data_5YEF
#
_entry.id   5YEF
#
_cell.length_a   90.115
_cell.length_b   143.064
_cell.length_c   90.233
_cell.angle_alpha   90.00
_cell.angle_beta   119.69
_cell.angle_gamma   90.00
#
_symmetry.space_group_name_H-M   'P 1 21 1'
#
loop_
_entity.id
_entity.type
_entity.pdbx_description
1 polymer 'Transcriptional repressor CTCF'
2 polymer 'DNA (27-MER)'
3 polymer 'DNA (27-MER)'
4 non-polymer 'ZINC ION'
#
loop_
_entity_poly.entity_id
_entity_poly.type
_entity_poly.pdbx_seq_one_letter_code
_entity_poly.pdbx_strand_id
1 'polypeptide(L)'
;RPHKCHLCGRAFRTVTLLRNHLNTHTGTRPHKCPDCDMAFVTSGELVRHRRYKHTHEKPFKCSMCDYASVEVSKLKRHIR
SHTGERPFQCSLCSYASRDTYKLKRHMRTHSGEKPYECYICHARFTQSGTMKMHILQKHTENVAKFHCPHCDTVIARKSD
LGVHLRKQHSYIEQGKKCRYCDAVFHERYALIQHQKSHK
;
A,B,G,J
2 'polydeoxyribonucleotide'
;(DA)(DG)(DT)(DC)(DG)(DA)(DC)(DT)(DC)(DG)(DC)(DC)(DC)(DT)(DC)(DT)(DG)(DC)(DT)(DG)
(DG)(DT)(DT)(DA)(DA)(DA)(DG)
;
C,E,H,K
3 'polydeoxyribonucleotide'
;(DA)(DC)(DT)(DT)(DT)(DA)(DA)(DC)(DC)(DA)(DG)(DC)(DA)(DG)(DA)(DG)(DG)(DG)(DC)(DG)
(DA)(DG)(DT)(DC)(DG)(DA)(DC)(DT)
;
D,F,I,L
#
# COMPACT_ATOMS: atom_id res chain seq x y z
N PRO A 30 2.38 37.40 -16.35
CA PRO A 30 0.96 37.77 -16.26
C PRO A 30 0.51 38.67 -17.41
N HIS A 31 0.23 38.09 -18.57
CA HIS A 31 0.78 36.78 -18.97
C HIS A 31 1.32 36.77 -20.42
N LYS A 32 2.23 35.83 -20.66
CA LYS A 32 2.92 35.60 -21.93
C LYS A 32 3.63 34.25 -21.80
N CYS A 33 3.83 33.54 -22.91
CA CYS A 33 4.48 32.26 -22.74
C CYS A 33 5.76 32.08 -23.56
N PRO A 34 6.84 31.59 -22.95
CA PRO A 34 8.09 31.39 -23.69
C PRO A 34 8.04 30.28 -24.73
N ASP A 35 7.46 29.12 -24.36
CA ASP A 35 7.50 27.95 -25.22
C ASP A 35 6.20 27.71 -25.97
N CYS A 36 5.14 28.40 -25.59
CA CYS A 36 3.84 28.31 -26.24
C CYS A 36 3.34 29.70 -26.60
N ASP A 37 2.17 29.73 -27.25
CA ASP A 37 1.58 30.97 -27.73
C ASP A 37 0.47 31.34 -26.77
N MET A 38 0.80 32.23 -25.82
CA MET A 38 -0.09 32.59 -24.72
C MET A 38 -1.20 33.50 -25.24
N ALA A 39 -2.42 33.40 -24.66
CA ALA A 39 -2.90 32.68 -23.44
C ALA A 39 -2.54 33.46 -22.19
N PHE A 40 -2.45 34.77 -22.36
CA PHE A 40 -2.71 35.66 -21.23
C PHE A 40 -4.20 35.54 -20.87
N VAL A 41 -4.58 36.01 -19.69
CA VAL A 41 -3.67 36.52 -18.68
C VAL A 41 -4.14 36.41 -17.25
N THR A 42 -3.22 35.93 -16.42
CA THR A 42 -3.32 35.80 -14.97
C THR A 42 -2.04 35.08 -14.56
N SER A 43 -1.52 35.38 -13.37
CA SER A 43 -0.24 34.82 -12.96
C SER A 43 -0.28 33.29 -12.97
N GLY A 44 -1.33 32.70 -12.36
CA GLY A 44 -1.44 31.24 -12.39
C GLY A 44 -1.92 30.72 -13.75
N GLU A 45 -2.90 31.41 -14.37
CA GLU A 45 -3.36 30.96 -15.69
C GLU A 45 -2.21 30.82 -16.69
N LEU A 46 -1.04 31.39 -16.40
CA LEU A 46 0.20 31.09 -17.13
C LEU A 46 1.09 30.09 -16.41
N VAL A 47 1.20 30.15 -15.07
CA VAL A 47 2.04 29.22 -14.32
C VAL A 47 1.53 27.80 -14.44
N ARG A 48 0.25 27.64 -14.20
CA ARG A 48 -0.37 26.32 -14.31
C ARG A 48 -0.34 25.83 -15.75
N HIS A 49 -0.46 26.75 -16.71
CA HIS A 49 -0.32 26.33 -18.09
C HIS A 49 1.05 25.72 -18.30
N ARG A 50 2.07 26.36 -17.74
CA ARG A 50 3.43 25.85 -17.84
C ARG A 50 3.54 24.49 -17.18
N ARG A 51 2.85 24.35 -16.05
CA ARG A 51 2.81 23.12 -15.28
C ARG A 51 2.17 21.99 -16.08
N TYR A 52 1.13 22.31 -16.85
CA TYR A 52 0.44 21.27 -17.62
C TYR A 52 1.19 20.93 -18.90
N LYS A 53 1.53 21.93 -19.71
CA LYS A 53 1.97 21.64 -21.07
C LYS A 53 3.47 21.56 -21.26
N HIS A 54 4.29 22.10 -20.33
CA HIS A 54 5.74 22.13 -20.52
C HIS A 54 6.53 21.53 -19.35
N THR A 55 6.31 22.02 -18.13
CA THR A 55 6.96 21.51 -16.91
C THR A 55 5.99 20.63 -16.15
N HIS A 56 5.93 19.37 -16.53
CA HIS A 56 4.98 18.43 -15.92
C HIS A 56 5.25 18.21 -14.44
N GLU A 57 4.89 19.21 -13.62
CA GLU A 57 5.16 19.23 -12.18
C GLU A 57 4.61 18.02 -11.44
N LYS A 58 3.29 17.96 -11.27
CA LYS A 58 2.56 16.89 -10.60
C LYS A 58 2.94 16.82 -9.12
N PRO A 59 2.55 17.83 -8.33
CA PRO A 59 2.93 17.82 -6.90
C PRO A 59 2.23 16.76 -6.05
N PHE A 60 0.91 16.55 -6.16
CA PHE A 60 0.16 15.71 -5.23
C PHE A 60 0.07 14.27 -5.73
N LYS A 61 0.41 13.30 -4.86
CA LYS A 61 0.47 11.88 -5.22
C LYS A 61 -0.55 11.07 -4.43
N CYS A 62 -0.86 9.88 -4.94
CA CYS A 62 -1.95 9.04 -4.44
C CYS A 62 -1.53 8.09 -3.31
N SER A 63 -2.48 7.25 -2.89
CA SER A 63 -2.28 6.35 -1.75
C SER A 63 -1.72 5.00 -2.19
N MET A 64 -2.43 4.32 -3.10
CA MET A 64 -2.03 2.99 -3.55
C MET A 64 -1.32 3.02 -4.89
N CYS A 65 -1.92 3.65 -5.91
CA CYS A 65 -1.34 3.70 -7.24
C CYS A 65 -0.21 4.74 -7.31
N ASP A 66 0.52 4.71 -8.43
CA ASP A 66 1.64 5.62 -8.63
C ASP A 66 1.20 6.95 -9.27
N TYR A 67 0.01 7.44 -8.90
CA TYR A 67 -0.58 8.60 -9.55
C TYR A 67 -0.18 9.90 -8.86
N ALA A 68 -0.06 10.94 -9.66
CA ALA A 68 0.17 12.29 -9.19
C ALA A 68 -0.19 13.24 -10.32
N SER A 69 -0.77 14.39 -10.00
CA SER A 69 -1.09 15.32 -11.08
C SER A 69 -1.03 16.75 -10.57
N VAL A 70 -1.19 17.67 -11.52
CA VAL A 70 -0.90 19.10 -11.35
C VAL A 70 -1.86 19.77 -10.37
N GLU A 71 -3.08 19.26 -10.23
CA GLU A 71 -4.08 19.86 -9.35
C GLU A 71 -4.58 18.87 -8.32
N VAL A 72 -4.88 19.40 -7.12
CA VAL A 72 -5.45 18.56 -6.05
C VAL A 72 -6.89 18.18 -6.37
N SER A 73 -7.64 19.06 -7.04
CA SER A 73 -8.98 18.70 -7.49
C SER A 73 -8.94 17.37 -8.23
N LYS A 74 -7.91 17.20 -9.08
CA LYS A 74 -7.76 15.95 -9.83
C LYS A 74 -7.58 14.76 -8.92
N LEU A 75 -6.77 14.90 -7.85
CA LEU A 75 -6.51 13.74 -6.99
C LEU A 75 -7.72 13.43 -6.12
N LYS A 76 -8.35 14.47 -5.56
CA LYS A 76 -9.62 14.28 -4.89
C LYS A 76 -10.56 13.46 -5.76
N ARG A 77 -10.67 13.83 -7.04
CA ARG A 77 -11.50 13.05 -7.96
C ARG A 77 -10.96 11.63 -8.16
N HIS A 78 -9.64 11.47 -8.16
CA HIS A 78 -9.02 10.17 -8.44
C HIS A 78 -9.33 9.16 -7.34
N ILE A 79 -9.29 9.60 -6.07
CA ILE A 79 -9.36 8.70 -4.92
C ILE A 79 -10.67 7.92 -4.92
N ARG A 80 -11.72 8.51 -5.48
CA ARG A 80 -12.99 7.78 -5.65
C ARG A 80 -12.87 6.55 -6.55
N SER A 81 -11.86 6.44 -7.41
CA SER A 81 -11.71 5.16 -8.11
C SER A 81 -11.32 4.04 -7.15
N HIS A 82 -10.64 4.38 -6.06
CA HIS A 82 -10.38 3.38 -5.03
C HIS A 82 -11.57 3.23 -4.09
N THR A 83 -11.99 4.34 -3.48
CA THR A 83 -13.08 4.33 -2.51
C THR A 83 -14.37 3.79 -3.11
N GLY A 84 -14.87 4.44 -4.16
CA GLY A 84 -16.17 4.15 -4.69
C GLY A 84 -17.20 5.22 -4.42
N GLU A 85 -16.80 6.39 -3.89
CA GLU A 85 -17.73 7.48 -3.64
C GLU A 85 -18.34 7.96 -4.94
N ARG A 86 -19.66 8.11 -4.95
CA ARG A 86 -20.40 8.64 -6.10
C ARG A 86 -21.29 9.78 -5.61
N PRO A 87 -20.69 10.91 -5.24
CA PRO A 87 -21.48 11.96 -4.56
C PRO A 87 -22.34 12.84 -5.45
N PHE A 88 -22.98 12.32 -6.51
CA PHE A 88 -23.81 13.15 -7.41
C PHE A 88 -24.96 12.31 -7.96
N GLN A 89 -26.17 12.52 -7.43
CA GLN A 89 -27.33 11.70 -7.76
C GLN A 89 -28.17 12.35 -8.84
N CYS A 90 -28.73 11.53 -9.74
CA CYS A 90 -29.71 12.02 -10.69
C CYS A 90 -31.05 12.02 -9.96
N SER A 91 -31.54 13.22 -9.62
CA SER A 91 -32.81 13.35 -8.93
C SER A 91 -33.91 12.52 -9.57
N LEU A 92 -33.71 12.09 -10.80
CA LEU A 92 -34.71 11.42 -11.59
C LEU A 92 -34.46 9.91 -11.73
N CYS A 93 -33.30 9.40 -11.29
CA CYS A 93 -33.05 7.94 -11.33
C CYS A 93 -32.06 7.59 -10.23
N SER A 94 -31.54 6.36 -10.29
CA SER A 94 -30.64 5.82 -9.27
C SER A 94 -29.18 6.17 -9.48
N TYR A 95 -28.81 6.70 -10.65
CA TYR A 95 -27.40 6.88 -11.00
C TYR A 95 -26.68 7.86 -10.06
N ALA A 96 -25.38 7.62 -9.88
CA ALA A 96 -24.53 8.47 -9.03
C ALA A 96 -23.10 8.48 -9.57
N SER A 97 -22.57 9.67 -9.84
CA SER A 97 -21.30 9.84 -10.54
C SER A 97 -20.18 10.30 -9.63
N ARG A 98 -18.95 10.06 -10.09
CA ARG A 98 -17.77 10.46 -9.32
C ARG A 98 -17.58 11.97 -9.35
N ASP A 99 -18.01 12.65 -10.42
CA ASP A 99 -17.81 14.08 -10.55
C ASP A 99 -19.05 14.68 -11.23
N THR A 100 -19.05 16.01 -11.36
CA THR A 100 -20.23 16.72 -11.82
C THR A 100 -20.53 16.44 -13.30
N TYR A 101 -19.49 16.35 -14.14
CA TYR A 101 -19.70 16.28 -15.58
C TYR A 101 -20.38 15.00 -15.99
N LYS A 102 -20.01 13.86 -15.38
CA LYS A 102 -20.65 12.62 -15.80
C LYS A 102 -22.15 12.69 -15.54
N LEU A 103 -22.56 13.44 -14.53
CA LEU A 103 -24.00 13.63 -14.29
C LEU A 103 -24.62 14.58 -15.31
N LYS A 104 -23.96 15.71 -15.63
CA LYS A 104 -24.53 16.56 -16.68
C LYS A 104 -24.70 15.78 -17.99
N ARG A 105 -23.76 14.85 -18.25
CA ARG A 105 -23.81 13.98 -19.43
C ARG A 105 -24.89 12.92 -19.31
N HIS A 106 -25.15 12.47 -18.10
CA HIS A 106 -26.24 11.56 -17.87
C HIS A 106 -27.58 12.26 -18.09
N MET A 107 -27.65 13.54 -17.74
CA MET A 107 -28.89 14.28 -17.84
C MET A 107 -29.43 14.34 -19.24
N ARG A 108 -28.54 14.31 -20.24
CA ARG A 108 -28.96 14.34 -21.64
C ARG A 108 -29.89 13.17 -21.95
N THR A 109 -29.72 12.04 -21.24
CA THR A 109 -30.58 10.90 -21.51
C THR A 109 -32.00 11.14 -21.02
N HIS A 110 -32.18 11.94 -19.98
CA HIS A 110 -33.53 12.31 -19.56
C HIS A 110 -34.09 13.44 -20.43
N SER A 111 -33.26 14.45 -20.70
CA SER A 111 -33.73 15.58 -21.52
C SER A 111 -33.97 15.17 -22.96
N GLY A 112 -33.25 14.17 -23.45
CA GLY A 112 -33.30 13.86 -24.86
C GLY A 112 -32.50 14.79 -25.72
N GLU A 113 -31.62 15.59 -25.12
CA GLU A 113 -30.79 16.49 -25.89
C GLU A 113 -29.76 15.66 -26.64
N LYS A 114 -29.45 16.06 -27.86
CA LYS A 114 -28.44 15.40 -28.67
C LYS A 114 -27.54 16.51 -29.18
N PRO A 115 -26.49 16.84 -28.42
CA PRO A 115 -25.69 18.03 -28.76
C PRO A 115 -24.80 17.87 -29.97
N TYR A 116 -24.47 16.63 -30.35
CA TYR A 116 -23.43 16.36 -31.35
C TYR A 116 -24.03 15.91 -32.70
N GLU A 117 -23.29 16.14 -33.78
CA GLU A 117 -23.87 15.95 -35.12
C GLU A 117 -22.81 15.47 -36.10
N CYS A 118 -23.00 14.32 -36.75
CA CYS A 118 -22.11 13.99 -37.86
C CYS A 118 -22.25 15.05 -38.95
N TYR A 119 -21.16 15.74 -39.28
CA TYR A 119 -21.30 16.84 -40.25
C TYR A 119 -21.63 16.31 -41.64
N ILE A 120 -21.46 15.02 -41.91
CA ILE A 120 -21.73 14.47 -43.23
C ILE A 120 -23.20 14.04 -43.41
N CYS A 121 -23.72 13.17 -42.53
CA CYS A 121 -25.09 12.67 -42.66
C CYS A 121 -26.09 13.46 -41.83
N HIS A 122 -25.63 14.27 -40.88
CA HIS A 122 -26.45 15.05 -39.98
C HIS A 122 -27.12 14.20 -38.90
N ALA A 123 -26.70 12.94 -38.75
CA ALA A 123 -27.17 12.17 -37.60
C ALA A 123 -26.80 12.87 -36.30
N ARG A 124 -27.67 12.69 -35.30
CA ARG A 124 -27.48 13.32 -34.03
C ARG A 124 -27.03 12.27 -33.01
N PHE A 125 -26.37 12.73 -31.96
CA PHE A 125 -25.84 11.82 -30.96
C PHE A 125 -25.89 12.50 -29.61
N THR A 126 -26.00 11.67 -28.58
CA THR A 126 -25.97 12.14 -27.21
C THR A 126 -24.55 12.51 -26.79
N GLN A 127 -23.53 11.86 -27.35
CA GLN A 127 -22.18 11.95 -26.82
C GLN A 127 -21.18 12.11 -27.97
N SER A 128 -20.24 13.03 -27.73
CA SER A 128 -19.25 13.41 -28.73
C SER A 128 -18.46 12.21 -29.26
N GLY A 129 -17.91 11.40 -28.35
CA GLY A 129 -17.13 10.24 -28.76
C GLY A 129 -17.93 9.26 -29.57
N THR A 130 -19.21 9.08 -29.22
CA THR A 130 -20.06 8.22 -30.04
C THR A 130 -20.08 8.75 -31.46
N MET A 131 -20.18 10.08 -31.60
CA MET A 131 -20.18 10.63 -32.95
C MET A 131 -18.87 10.41 -33.66
N LYS A 132 -17.76 10.65 -32.96
CA LYS A 132 -16.48 10.41 -33.57
C LYS A 132 -16.38 8.97 -34.04
N MET A 133 -16.91 8.02 -33.26
CA MET A 133 -16.85 6.61 -33.67
C MET A 133 -17.73 6.35 -34.87
N HIS A 134 -18.92 6.95 -34.91
CA HIS A 134 -19.76 6.82 -36.09
C HIS A 134 -19.01 7.28 -37.33
N ILE A 135 -18.37 8.45 -37.26
CA ILE A 135 -17.61 8.95 -38.41
C ILE A 135 -16.51 7.98 -38.79
N LEU A 136 -15.83 7.42 -37.80
CA LEU A 136 -14.73 6.50 -38.08
C LEU A 136 -15.23 5.20 -38.75
N GLN A 137 -16.39 4.70 -38.35
CA GLN A 137 -16.84 3.46 -38.97
C GLN A 137 -17.64 3.70 -40.24
N LYS A 138 -18.15 4.90 -40.46
CA LYS A 138 -19.10 5.14 -41.54
C LYS A 138 -18.60 5.97 -42.70
N HIS A 139 -17.73 6.94 -42.45
CA HIS A 139 -17.27 7.89 -43.46
C HIS A 139 -15.75 7.95 -43.52
N THR A 140 -15.08 6.88 -43.16
CA THR A 140 -13.64 6.91 -43.05
C THR A 140 -13.08 5.73 -43.80
N GLU A 141 -11.90 5.91 -44.39
CA GLU A 141 -11.27 4.91 -45.23
C GLU A 141 -9.91 4.53 -44.68
N ASN A 142 -9.48 3.33 -45.02
CA ASN A 142 -8.15 2.84 -44.71
C ASN A 142 -8.00 2.65 -43.20
N VAL A 143 -9.12 2.65 -42.48
CA VAL A 143 -9.09 2.50 -41.03
C VAL A 143 -8.64 1.08 -40.67
N ALA A 144 -7.82 0.97 -39.63
CA ALA A 144 -7.27 -0.34 -39.25
C ALA A 144 -8.34 -1.25 -38.62
N LYS A 145 -8.28 -2.57 -38.91
CA LYS A 145 -9.17 -3.52 -38.25
C LYS A 145 -8.45 -4.21 -37.10
N PHE A 146 -9.08 -5.26 -36.55
CA PHE A 146 -8.48 -6.04 -35.47
C PHE A 146 -8.64 -7.53 -35.82
N HIS A 147 -7.53 -8.28 -35.82
CA HIS A 147 -7.61 -9.71 -36.11
C HIS A 147 -7.59 -10.42 -34.78
N CYS A 148 -8.51 -11.35 -34.58
CA CYS A 148 -8.46 -12.17 -33.39
C CYS A 148 -7.11 -12.88 -33.34
N PRO A 149 -6.41 -12.85 -32.21
CA PRO A 149 -5.17 -13.65 -32.12
C PRO A 149 -5.42 -15.15 -32.22
N HIS A 150 -6.48 -15.65 -31.58
CA HIS A 150 -6.72 -17.08 -31.53
C HIS A 150 -7.39 -17.61 -32.80
N CYS A 151 -8.49 -16.99 -33.23
CA CYS A 151 -9.11 -17.41 -34.48
C CYS A 151 -8.76 -16.42 -35.58
N ASP A 152 -9.27 -16.67 -36.78
CA ASP A 152 -8.82 -15.93 -37.95
C ASP A 152 -9.78 -14.83 -38.39
N THR A 153 -10.76 -14.47 -37.56
CA THR A 153 -11.77 -13.50 -37.98
C THR A 153 -11.32 -12.08 -37.60
N VAL A 154 -11.71 -11.11 -38.44
CA VAL A 154 -11.44 -9.68 -38.22
C VAL A 154 -12.74 -8.96 -37.87
N ILE A 155 -12.67 -7.99 -36.96
CA ILE A 155 -13.83 -7.15 -36.65
C ILE A 155 -13.37 -5.71 -36.40
N ALA A 156 -14.28 -4.75 -36.61
CA ALA A 156 -13.93 -3.34 -36.71
C ALA A 156 -13.60 -2.66 -35.36
N ARG A 157 -14.56 -2.59 -34.42
CA ARG A 157 -14.28 -1.90 -33.17
C ARG A 157 -13.45 -2.81 -32.27
N LYS A 158 -12.55 -2.21 -31.51
CA LYS A 158 -11.76 -3.00 -30.56
C LYS A 158 -12.64 -3.68 -29.50
N SER A 159 -13.65 -2.97 -29.01
CA SER A 159 -14.47 -3.52 -27.93
C SER A 159 -15.26 -4.76 -28.36
N ASP A 160 -15.62 -4.85 -29.65
CA ASP A 160 -16.28 -6.04 -30.17
C ASP A 160 -15.31 -7.20 -30.33
N LEU A 161 -14.03 -6.91 -30.57
CA LEU A 161 -13.01 -7.92 -30.40
C LEU A 161 -12.95 -8.38 -28.94
N GLY A 162 -13.29 -7.48 -28.02
CA GLY A 162 -13.43 -7.88 -26.62
C GLY A 162 -14.53 -8.90 -26.40
N VAL A 163 -15.74 -8.60 -26.91
CA VAL A 163 -16.84 -9.53 -26.64
C VAL A 163 -16.60 -10.83 -27.37
N HIS A 164 -15.95 -10.78 -28.54
CA HIS A 164 -15.62 -12.02 -29.26
C HIS A 164 -14.63 -12.86 -28.48
N LEU A 165 -13.59 -12.25 -27.91
CA LEU A 165 -12.65 -13.04 -27.10
C LEU A 165 -13.29 -13.60 -25.84
N ARG A 166 -14.29 -12.91 -25.28
CA ARG A 166 -14.95 -13.44 -24.10
C ARG A 166 -15.96 -14.55 -24.42
N LYS A 167 -16.62 -14.48 -25.59
CA LYS A 167 -17.61 -15.48 -25.91
C LYS A 167 -17.01 -16.67 -26.68
N GLN A 168 -15.87 -16.50 -27.34
CA GLN A 168 -15.34 -17.52 -28.22
C GLN A 168 -14.01 -18.12 -27.77
N HIS A 169 -13.18 -17.39 -27.03
CA HIS A 169 -11.88 -17.89 -26.64
C HIS A 169 -11.66 -17.82 -25.14
N SER A 170 -12.72 -17.56 -24.38
CA SER A 170 -12.65 -17.59 -22.92
C SER A 170 -12.66 -19.03 -22.42
N TYR A 171 -12.08 -19.23 -21.22
CA TYR A 171 -12.01 -20.55 -20.58
C TYR A 171 -13.36 -20.89 -19.95
N ILE A 172 -13.95 -22.01 -20.37
CA ILE A 172 -15.22 -22.49 -19.84
C ILE A 172 -14.89 -23.55 -18.79
N GLU A 173 -15.17 -23.23 -17.52
CA GLU A 173 -14.68 -24.03 -16.40
C GLU A 173 -15.24 -25.46 -16.40
N GLN A 174 -16.56 -25.61 -16.27
CA GLN A 174 -17.14 -26.96 -16.22
C GLN A 174 -17.09 -27.69 -17.57
N GLY A 175 -16.66 -27.03 -18.65
CA GLY A 175 -16.57 -27.65 -19.96
C GLY A 175 -17.88 -27.70 -20.75
N LYS A 176 -17.73 -27.99 -22.04
CA LYS A 176 -18.83 -28.24 -22.97
C LYS A 176 -18.53 -29.51 -23.74
N LYS A 177 -19.55 -30.35 -23.91
CA LYS A 177 -19.38 -31.58 -24.67
C LYS A 177 -19.78 -31.36 -26.11
N CYS A 178 -19.08 -32.04 -27.02
CA CYS A 178 -19.51 -32.07 -28.41
C CYS A 178 -20.97 -32.50 -28.51
N ARG A 179 -21.68 -31.95 -29.48
CA ARG A 179 -23.09 -32.32 -29.66
C ARG A 179 -23.24 -33.75 -30.18
N TYR A 180 -22.25 -34.28 -30.91
CA TYR A 180 -22.36 -35.59 -31.54
C TYR A 180 -21.38 -36.65 -31.05
N CYS A 181 -20.38 -36.31 -30.23
CA CYS A 181 -19.43 -37.29 -29.71
C CYS A 181 -19.19 -36.98 -28.24
N ASP A 182 -18.40 -37.83 -27.58
CA ASP A 182 -18.19 -37.64 -26.15
C ASP A 182 -17.11 -36.62 -25.80
N ALA A 183 -16.39 -36.07 -26.78
CA ALA A 183 -15.26 -35.20 -26.48
C ALA A 183 -15.74 -33.92 -25.84
N VAL A 184 -15.08 -33.54 -24.74
CA VAL A 184 -15.37 -32.30 -24.03
C VAL A 184 -14.28 -31.24 -24.29
N PHE A 185 -14.71 -29.98 -24.36
CA PHE A 185 -13.84 -28.86 -24.63
C PHE A 185 -14.05 -27.78 -23.57
N HIS A 186 -13.03 -26.94 -23.39
CA HIS A 186 -13.06 -25.88 -22.42
C HIS A 186 -13.07 -24.50 -23.06
N GLU A 187 -13.07 -24.41 -24.38
CA GLU A 187 -13.23 -23.12 -25.02
C GLU A 187 -14.20 -23.29 -26.17
N ARG A 188 -15.10 -22.30 -26.30
CA ARG A 188 -16.19 -22.38 -27.25
C ARG A 188 -15.70 -22.49 -28.69
N TYR A 189 -14.56 -21.87 -29.00
CA TYR A 189 -14.03 -21.97 -30.35
C TYR A 189 -13.68 -23.40 -30.70
N ALA A 190 -12.88 -24.04 -29.83
CA ALA A 190 -12.43 -25.39 -30.10
C ALA A 190 -13.63 -26.31 -30.24
N LEU A 191 -14.69 -26.04 -29.45
CA LEU A 191 -15.89 -26.84 -29.51
C LEU A 191 -16.55 -26.74 -30.88
N ILE A 192 -16.83 -25.51 -31.34
CA ILE A 192 -17.50 -25.36 -32.62
C ILE A 192 -16.61 -25.87 -33.75
N GLN A 193 -15.30 -25.66 -33.65
CA GLN A 193 -14.39 -26.14 -34.67
C GLN A 193 -14.41 -27.66 -34.74
N HIS A 194 -14.41 -28.31 -33.57
CA HIS A 194 -14.44 -29.76 -33.54
C HIS A 194 -15.68 -30.32 -34.17
N GLN A 195 -16.81 -29.65 -34.06
CA GLN A 195 -18.07 -30.20 -34.54
C GLN A 195 -18.04 -30.38 -36.06
N LYS A 196 -16.96 -30.99 -36.57
CA LYS A 196 -16.74 -31.36 -37.97
C LYS A 196 -15.83 -32.60 -37.94
N SER A 197 -15.92 -33.48 -38.93
CA SER A 197 -16.75 -33.39 -40.14
C SER A 197 -18.23 -33.52 -39.85
N HIS A 198 -18.53 -33.99 -38.63
CA HIS A 198 -19.86 -34.42 -38.20
C HIS A 198 -21.04 -33.94 -39.07
N PRO D 30 -32.37 -20.82 14.79
CA PRO D 30 -32.68 -19.44 15.11
C PRO D 30 -33.37 -19.31 16.47
N HIS D 31 -32.77 -19.90 17.52
CA HIS D 31 -33.42 -19.95 18.84
C HIS D 31 -32.59 -19.62 20.09
N LYS D 32 -31.42 -20.24 20.28
CA LYS D 32 -30.74 -20.12 21.57
C LYS D 32 -29.27 -20.50 21.44
N CYS D 33 -28.50 -20.00 22.40
CA CYS D 33 -27.05 -20.11 22.37
C CYS D 33 -26.50 -21.11 23.39
N PRO D 34 -25.52 -21.90 22.95
CA PRO D 34 -25.01 -22.95 23.84
C PRO D 34 -24.33 -22.41 25.10
N ASP D 35 -23.51 -21.37 24.96
CA ASP D 35 -22.74 -20.83 26.07
C ASP D 35 -23.36 -19.55 26.63
N CYS D 36 -24.41 -19.03 25.98
CA CYS D 36 -25.10 -17.80 26.42
C CYS D 36 -26.61 -18.04 26.49
N ASP D 37 -27.40 -16.96 26.65
CA ASP D 37 -28.87 -17.04 26.64
C ASP D 37 -29.39 -15.89 25.77
N MET D 38 -29.16 -16.00 24.46
CA MET D 38 -29.50 -14.96 23.50
C MET D 38 -29.95 -15.64 22.21
N ALA D 39 -30.79 -14.96 21.43
CA ALA D 39 -31.63 -15.65 20.47
C ALA D 39 -31.65 -15.01 19.08
N PHE D 40 -31.83 -15.86 18.09
CA PHE D 40 -32.00 -15.39 16.73
C PHE D 40 -33.50 -15.12 16.57
N VAL D 41 -33.95 -14.57 15.43
CA VAL D 41 -33.66 -15.02 14.07
C VAL D 41 -32.58 -14.32 13.29
N GLY D 44 -27.71 -16.05 12.17
CA GLY D 44 -27.21 -14.68 12.26
C GLY D 44 -27.07 -14.23 13.72
N GLU D 45 -28.21 -13.96 14.38
CA GLU D 45 -28.20 -13.53 15.78
C GLU D 45 -27.63 -14.58 16.73
N LEU D 46 -27.20 -15.74 16.19
CA LEU D 46 -26.47 -16.76 16.93
C LEU D 46 -25.08 -17.02 16.36
N VAL D 47 -24.94 -17.02 15.03
CA VAL D 47 -23.64 -17.28 14.39
C VAL D 47 -22.66 -16.14 14.69
N ARG D 48 -23.09 -14.91 14.39
CA ARG D 48 -22.26 -13.76 14.66
C ARG D 48 -22.12 -13.51 16.16
N HIS D 49 -23.17 -13.78 16.93
CA HIS D 49 -23.02 -13.66 18.38
C HIS D 49 -21.91 -14.55 18.90
N ARG D 50 -21.88 -15.82 18.47
CA ARG D 50 -20.78 -16.68 18.87
C ARG D 50 -19.45 -16.14 18.36
N ARG D 51 -19.45 -15.56 17.17
CA ARG D 51 -18.24 -14.95 16.63
C ARG D 51 -17.70 -13.83 17.52
N TYR D 52 -18.60 -13.05 18.09
CA TYR D 52 -18.19 -11.91 18.90
C TYR D 52 -17.84 -12.32 20.31
N LYS D 53 -18.74 -13.03 20.98
CA LYS D 53 -18.67 -13.24 22.41
C LYS D 53 -18.14 -14.61 22.83
N HIS D 54 -18.05 -15.57 21.91
CA HIS D 54 -17.62 -16.93 22.24
C HIS D 54 -16.41 -17.45 21.48
N THR D 55 -16.41 -17.39 20.14
CA THR D 55 -15.25 -17.87 19.37
C THR D 55 -14.20 -16.81 19.08
N HIS D 56 -14.54 -15.53 19.17
CA HIS D 56 -13.61 -14.45 18.83
C HIS D 56 -12.80 -14.76 17.57
N GLU D 57 -13.52 -15.10 16.50
CA GLU D 57 -12.95 -15.47 15.21
C GLU D 57 -13.24 -14.36 14.22
N LYS D 58 -12.20 -13.61 13.84
CA LYS D 58 -12.35 -12.47 12.95
C LYS D 58 -11.75 -12.78 11.59
N PRO D 59 -12.54 -13.28 10.63
CA PRO D 59 -11.93 -13.65 9.32
C PRO D 59 -11.37 -12.49 8.51
N PHE D 60 -12.04 -11.33 8.46
CA PHE D 60 -11.61 -10.29 7.52
C PHE D 60 -10.47 -9.48 8.11
N LYS D 61 -9.36 -9.39 7.38
CA LYS D 61 -8.13 -8.73 7.84
C LYS D 61 -7.86 -7.50 6.98
N CYS D 62 -7.09 -6.57 7.54
CA CYS D 62 -6.96 -5.26 6.91
C CYS D 62 -5.81 -5.22 5.89
N SER D 63 -5.72 -4.10 5.18
CA SER D 63 -4.76 -3.91 4.09
C SER D 63 -3.47 -3.23 4.55
N MET D 64 -3.61 -2.06 5.19
CA MET D 64 -2.47 -1.25 5.61
C MET D 64 -2.10 -1.45 7.07
N CYS D 65 -3.00 -1.97 7.90
CA CYS D 65 -2.73 -2.24 9.31
C CYS D 65 -3.09 -3.68 9.66
N ASP D 66 -2.71 -4.03 10.89
CA ASP D 66 -2.96 -5.34 11.50
C ASP D 66 -4.34 -5.39 12.17
N TYR D 67 -5.38 -4.88 11.47
CA TYR D 67 -6.76 -4.85 11.96
C TYR D 67 -7.59 -6.01 11.38
N ALA D 68 -8.54 -6.53 12.16
CA ALA D 68 -9.44 -7.58 11.66
C ALA D 68 -10.71 -7.63 12.51
N SER D 69 -11.83 -8.00 11.89
CA SER D 69 -13.08 -8.04 12.64
C SER D 69 -14.00 -9.14 12.14
N VAL D 70 -15.05 -9.36 12.94
CA VAL D 70 -16.01 -10.44 12.72
C VAL D 70 -16.88 -10.17 11.50
N GLU D 71 -17.15 -8.90 11.22
CA GLU D 71 -18.06 -8.47 10.18
C GLU D 71 -17.31 -7.68 9.12
N VAL D 72 -17.67 -7.90 7.86
CA VAL D 72 -17.07 -7.12 6.77
C VAL D 72 -17.58 -5.68 6.82
N SER D 73 -18.81 -5.48 7.29
CA SER D 73 -19.31 -4.13 7.51
C SER D 73 -18.30 -3.32 8.31
N LYS D 74 -17.75 -3.92 9.37
CA LYS D 74 -16.79 -3.23 10.22
C LYS D 74 -15.55 -2.82 9.42
N LEU D 75 -15.11 -3.69 8.51
CA LEU D 75 -13.88 -3.43 7.75
C LEU D 75 -14.09 -2.38 6.65
N LYS D 76 -15.18 -2.50 5.89
CA LYS D 76 -15.56 -1.43 4.97
C LYS D 76 -15.58 -0.10 5.71
N ARG D 77 -16.18 -0.08 6.91
CA ARG D 77 -16.20 1.14 7.70
C ARG D 77 -14.79 1.56 8.12
N HIS D 78 -13.92 0.60 8.39
CA HIS D 78 -12.58 0.90 8.88
C HIS D 78 -11.75 1.59 7.80
N ILE D 79 -11.89 1.12 6.57
CA ILE D 79 -10.99 1.50 5.48
C ILE D 79 -11.02 3.00 5.20
N ARG D 80 -12.15 3.65 5.46
CA ARG D 80 -12.20 5.10 5.25
C ARG D 80 -11.20 5.85 6.12
N SER D 81 -10.72 5.24 7.21
CA SER D 81 -9.67 5.86 8.02
C SER D 81 -8.34 5.93 7.27
N HIS D 82 -8.08 4.99 6.37
CA HIS D 82 -6.93 5.08 5.49
C HIS D 82 -7.24 5.99 4.29
N THR D 83 -8.31 5.67 3.55
CA THR D 83 -8.67 6.39 2.33
C THR D 83 -8.94 7.88 2.58
N GLY D 84 -9.89 8.17 3.48
CA GLY D 84 -10.41 9.51 3.65
C GLY D 84 -11.87 9.68 3.26
N GLU D 85 -12.59 8.59 2.99
CA GLU D 85 -14.02 8.69 2.68
C GLU D 85 -14.78 9.25 3.87
N ARG D 86 -15.62 10.24 3.60
CA ARG D 86 -16.58 10.78 4.55
C ARG D 86 -17.94 10.78 3.85
N PRO D 87 -18.55 9.60 3.68
CA PRO D 87 -19.78 9.51 2.87
C PRO D 87 -21.05 9.91 3.60
N PHE D 88 -21.02 10.92 4.47
CA PHE D 88 -22.23 11.32 5.19
C PHE D 88 -22.12 12.81 5.44
N GLN D 89 -22.83 13.61 4.65
CA GLN D 89 -22.66 15.04 4.66
C GLN D 89 -23.72 15.69 5.52
N CYS D 90 -23.31 16.75 6.20
CA CYS D 90 -24.21 17.57 7.00
C CYS D 90 -24.86 18.63 6.10
N SER D 91 -26.17 18.50 5.88
CA SER D 91 -26.93 19.46 5.07
C SER D 91 -26.74 20.89 5.53
N LEU D 92 -26.24 21.09 6.74
CA LEU D 92 -26.14 22.40 7.36
C LEU D 92 -24.73 22.96 7.43
N CYS D 93 -23.68 22.17 7.16
CA CYS D 93 -22.30 22.71 7.17
C CYS D 93 -21.40 21.78 6.36
N SER D 94 -20.08 22.03 6.42
CA SER D 94 -19.12 21.32 5.58
C SER D 94 -18.74 19.95 6.10
N TYR D 95 -19.14 19.60 7.32
CA TYR D 95 -18.71 18.34 7.93
C TYR D 95 -19.23 17.16 7.14
N ALA D 96 -18.47 16.07 7.20
CA ALA D 96 -18.83 14.83 6.53
C ALA D 96 -18.23 13.71 7.34
N SER D 97 -19.03 12.72 7.74
CA SER D 97 -18.56 11.71 8.66
C SER D 97 -18.29 10.38 7.96
N ARG D 98 -17.47 9.56 8.62
CA ARG D 98 -17.13 8.23 8.11
C ARG D 98 -18.27 7.25 8.28
N ASP D 99 -19.15 7.47 9.25
CA ASP D 99 -20.22 6.54 9.49
C ASP D 99 -21.46 7.30 9.95
N THR D 100 -22.56 6.57 10.09
CA THR D 100 -23.84 7.21 10.35
C THR D 100 -23.90 7.84 11.76
N TYR D 101 -23.29 7.19 12.77
CA TYR D 101 -23.48 7.69 14.13
C TYR D 101 -22.80 9.04 14.36
N LYS D 102 -21.56 9.19 13.85
CA LYS D 102 -20.83 10.43 14.06
C LYS D 102 -21.55 11.62 13.43
N LEU D 103 -22.34 11.38 12.38
CA LEU D 103 -23.12 12.50 11.86
C LEU D 103 -24.32 12.85 12.75
N LYS D 104 -25.07 11.83 13.19
CA LYS D 104 -26.16 12.14 14.10
C LYS D 104 -25.66 12.82 15.39
N ARG D 105 -24.46 12.46 15.85
CA ARG D 105 -23.88 13.12 17.01
C ARG D 105 -23.40 14.51 16.67
N HIS D 106 -22.98 14.74 15.43
CA HIS D 106 -22.62 16.08 15.02
C HIS D 106 -23.84 17.00 15.04
N MET D 107 -25.01 16.46 14.70
CA MET D 107 -26.23 17.26 14.63
C MET D 107 -26.53 17.99 15.94
N ARG D 108 -26.04 17.45 17.06
CA ARG D 108 -26.18 18.12 18.34
C ARG D 108 -25.54 19.49 18.33
N THR D 109 -24.45 19.69 17.57
CA THR D 109 -23.84 21.02 17.61
C THR D 109 -24.72 22.06 16.94
N HIS D 110 -25.56 21.65 16.00
CA HIS D 110 -26.48 22.62 15.42
C HIS D 110 -27.71 22.83 16.29
N SER D 111 -28.29 21.74 16.78
CA SER D 111 -29.47 21.87 17.63
C SER D 111 -29.12 22.43 18.99
N GLY D 112 -27.89 22.21 19.45
CA GLY D 112 -27.54 22.54 20.82
C GLY D 112 -28.10 21.59 21.86
N GLU D 113 -28.55 20.40 21.45
CA GLU D 113 -29.17 19.46 22.38
C GLU D 113 -28.14 18.90 23.37
N LYS D 114 -28.59 18.67 24.61
CA LYS D 114 -27.73 18.12 25.64
C LYS D 114 -28.48 16.93 26.22
N PRO D 115 -28.35 15.75 25.63
CA PRO D 115 -29.20 14.63 26.06
C PRO D 115 -28.81 14.06 27.41
N TYR D 116 -27.61 14.30 27.92
CA TYR D 116 -27.19 13.61 29.13
C TYR D 116 -27.29 14.54 30.35
N GLU D 117 -27.54 13.94 31.51
CA GLU D 117 -27.89 14.71 32.71
C GLU D 117 -27.18 14.05 33.88
N CYS D 118 -26.27 14.78 34.52
CA CYS D 118 -25.59 14.27 35.71
C CYS D 118 -26.59 14.02 36.81
N TYR D 119 -26.65 12.79 37.30
CA TYR D 119 -27.71 12.49 38.26
C TYR D 119 -27.48 13.13 39.62
N ILE D 120 -26.25 13.54 39.93
CA ILE D 120 -25.94 14.20 41.20
C ILE D 120 -26.20 15.70 41.12
N CYS D 121 -25.73 16.29 40.03
CA CYS D 121 -25.66 17.70 39.70
C CYS D 121 -26.86 18.21 38.91
N HIS D 122 -27.31 17.43 37.93
CA HIS D 122 -28.38 17.69 36.97
C HIS D 122 -27.98 18.72 35.93
N ALA D 123 -26.71 19.09 35.88
CA ALA D 123 -26.17 19.75 34.68
C ALA D 123 -26.30 18.81 33.47
N ARG D 124 -26.43 19.42 32.31
CA ARG D 124 -26.63 18.64 31.09
C ARG D 124 -25.36 18.61 30.24
N PHE D 125 -25.25 17.63 29.36
CA PHE D 125 -24.05 17.52 28.55
C PHE D 125 -24.39 17.03 27.14
N THR D 126 -23.48 17.36 26.23
CA THR D 126 -23.61 17.05 24.81
C THR D 126 -23.32 15.57 24.52
N GLN D 127 -22.52 14.91 25.37
CA GLN D 127 -21.99 13.58 25.11
C GLN D 127 -21.88 12.78 26.41
N SER D 128 -22.26 11.49 26.33
CA SER D 128 -22.24 10.61 27.50
C SER D 128 -20.86 10.58 28.16
N GLY D 129 -19.81 10.34 27.38
CA GLY D 129 -18.48 10.31 27.97
C GLY D 129 -18.11 11.62 28.63
N THR D 130 -18.55 12.75 28.04
CA THR D 130 -18.30 14.01 28.70
C THR D 130 -18.89 13.99 30.10
N MET D 131 -20.15 13.51 30.21
CA MET D 131 -20.78 13.43 31.53
C MET D 131 -20.06 12.43 32.44
N LYS D 132 -19.58 11.33 31.89
CA LYS D 132 -18.90 10.35 32.71
C LYS D 132 -17.67 10.94 33.33
N MET D 133 -16.93 11.72 32.54
CA MET D 133 -15.77 12.42 33.06
C MET D 133 -16.18 13.49 34.05
N HIS D 134 -17.28 14.20 33.77
CA HIS D 134 -17.75 15.23 34.69
C HIS D 134 -17.92 14.61 36.06
N ILE D 135 -18.65 13.48 36.12
CA ILE D 135 -18.92 12.82 37.39
C ILE D 135 -17.60 12.43 38.06
N LEU D 136 -16.65 11.97 37.25
CA LEU D 136 -15.39 11.51 37.83
C LEU D 136 -14.63 12.67 38.45
N GLN D 137 -14.64 13.86 37.82
CA GLN D 137 -13.82 14.99 38.27
C GLN D 137 -14.49 15.86 39.31
N LYS D 138 -15.83 15.91 39.39
CA LYS D 138 -16.48 16.83 40.30
C LYS D 138 -17.16 16.16 41.48
N HIS D 139 -17.59 14.90 41.35
CA HIS D 139 -18.37 14.26 42.39
C HIS D 139 -17.68 13.02 42.93
N THR D 140 -16.37 12.92 42.73
CA THR D 140 -15.59 11.77 43.14
C THR D 140 -14.31 12.25 43.81
N GLU D 141 -13.85 11.49 44.80
CA GLU D 141 -12.72 11.86 45.65
C GLU D 141 -11.64 10.84 45.45
N ASN D 142 -10.38 11.25 45.65
CA ASN D 142 -9.24 10.34 45.64
C ASN D 142 -8.97 9.75 44.25
N VAL D 143 -9.59 10.30 43.20
CA VAL D 143 -9.36 9.82 41.85
C VAL D 143 -7.90 10.08 41.48
N ALA D 144 -7.29 9.14 40.76
CA ALA D 144 -5.87 9.22 40.46
C ALA D 144 -5.57 10.39 39.51
N LYS D 145 -4.52 11.14 39.82
CA LYS D 145 -4.12 12.22 38.95
C LYS D 145 -2.91 11.78 38.14
N PHE D 146 -2.29 12.73 37.43
CA PHE D 146 -1.14 12.45 36.58
C PHE D 146 -0.01 13.41 36.91
N HIS D 147 1.17 12.86 37.15
CA HIS D 147 2.35 13.65 37.47
C HIS D 147 3.17 13.84 36.20
N CYS D 148 3.57 15.09 35.92
CA CYS D 148 4.48 15.35 34.82
C CYS D 148 5.76 14.58 35.07
N PRO D 149 6.26 13.84 34.07
CA PRO D 149 7.55 13.13 34.24
C PRO D 149 8.70 14.11 34.38
N HIS D 150 8.67 15.22 33.63
CA HIS D 150 9.75 16.19 33.64
C HIS D 150 9.63 17.17 34.81
N CYS D 151 8.49 17.81 34.99
CA CYS D 151 8.38 18.73 36.13
C CYS D 151 7.55 18.06 37.24
N ASP D 152 7.35 18.81 38.34
CA ASP D 152 6.72 18.23 39.53
C ASP D 152 5.23 18.57 39.68
N THR D 153 4.55 19.05 38.64
CA THR D 153 3.15 19.43 38.85
C THR D 153 2.26 18.22 38.57
N VAL D 154 1.17 18.11 39.34
CA VAL D 154 0.16 17.06 39.17
C VAL D 154 -1.04 17.71 38.50
N ILE D 155 -1.72 16.95 37.64
CA ILE D 155 -2.91 17.48 37.01
C ILE D 155 -3.95 16.38 36.79
N ALA D 156 -5.23 16.78 36.77
CA ALA D 156 -6.34 15.84 36.85
C ALA D 156 -6.50 14.98 35.58
N ARG D 157 -6.82 15.57 34.43
CA ARG D 157 -7.01 14.83 33.19
C ARG D 157 -5.68 14.50 32.51
N LYS D 158 -5.58 13.30 31.94
CA LYS D 158 -4.36 12.96 31.22
C LYS D 158 -4.18 13.80 29.95
N SER D 159 -5.25 14.07 29.19
CA SER D 159 -5.05 14.86 27.97
C SER D 159 -4.54 16.27 28.30
N ASP D 160 -4.90 16.79 29.48
CA ASP D 160 -4.32 18.04 29.92
C ASP D 160 -2.84 17.86 30.27
N LEU D 161 -2.46 16.65 30.71
CA LEU D 161 -1.03 16.40 30.78
C LEU D 161 -0.43 16.48 29.39
N GLY D 162 -1.19 16.07 28.38
CA GLY D 162 -0.72 16.24 27.01
C GLY D 162 -0.41 17.69 26.68
N VAL D 163 -1.36 18.58 26.96
CA VAL D 163 -1.12 19.97 26.58
C VAL D 163 -0.07 20.62 27.49
N HIS D 164 0.05 20.21 28.77
CA HIS D 164 1.15 20.74 29.58
C HIS D 164 2.49 20.29 29.01
N LEU D 165 2.60 19.03 28.58
CA LEU D 165 3.86 18.56 28.00
C LEU D 165 4.17 19.26 26.69
N ARG D 166 3.14 19.57 25.91
CA ARG D 166 3.39 20.24 24.63
C ARG D 166 3.74 21.71 24.83
N LYS D 167 3.19 22.34 25.88
CA LYS D 167 3.43 23.75 26.12
C LYS D 167 4.63 24.05 27.01
N GLN D 168 5.07 23.11 27.84
CA GLN D 168 6.13 23.37 28.80
C GLN D 168 7.41 22.60 28.57
N HIS D 169 7.36 21.47 27.85
CA HIS D 169 8.54 20.65 27.70
C HIS D 169 8.87 20.36 26.24
N SER D 170 8.20 21.01 25.31
CA SER D 170 8.56 20.86 23.91
C SER D 170 9.77 21.72 23.59
N TYR D 171 10.50 21.30 22.57
CA TYR D 171 11.68 22.04 22.14
C TYR D 171 11.23 23.25 21.36
N ILE D 172 11.68 24.43 21.78
CA ILE D 172 11.41 25.68 21.10
C ILE D 172 12.56 25.93 20.15
N GLU D 173 12.31 25.81 18.85
CA GLU D 173 13.40 25.80 17.89
C GLU D 173 14.19 27.11 17.95
N GLN D 174 13.51 28.23 17.72
CA GLN D 174 14.17 29.55 17.69
C GLN D 174 14.64 30.06 19.05
N GLY D 175 14.41 29.31 20.12
CA GLY D 175 14.73 29.76 21.46
C GLY D 175 13.82 30.87 21.95
N LYS D 176 13.76 31.05 23.28
CA LYS D 176 13.05 32.13 23.93
C LYS D 176 14.00 32.79 24.92
N LYS D 177 14.07 34.13 24.88
CA LYS D 177 15.02 34.89 25.69
C LYS D 177 14.41 35.22 27.03
N CYS D 178 15.24 35.13 28.08
CA CYS D 178 14.78 35.52 29.40
C CYS D 178 14.21 36.93 29.34
N ARG D 179 13.26 37.24 30.23
CA ARG D 179 12.71 38.58 30.19
C ARG D 179 13.76 39.61 30.52
N TYR D 180 14.77 39.26 31.37
CA TYR D 180 15.79 40.22 31.80
C TYR D 180 17.25 39.75 31.71
N CYS D 181 17.64 39.07 30.63
CA CYS D 181 19.07 38.75 30.46
C CYS D 181 19.41 38.11 29.11
N ASP D 182 20.69 37.97 28.84
CA ASP D 182 21.16 37.44 27.57
C ASP D 182 20.93 35.93 27.43
N ALA D 183 20.43 35.25 28.46
CA ALA D 183 20.21 33.81 28.38
C ALA D 183 19.02 33.46 27.49
N VAL D 184 19.25 32.59 26.54
CA VAL D 184 18.20 32.11 25.66
C VAL D 184 17.86 30.68 26.11
N PHE D 185 16.58 30.29 25.94
CA PHE D 185 16.11 28.94 26.32
C PHE D 185 15.34 28.28 25.19
N HIS D 186 15.38 26.95 25.19
CA HIS D 186 14.72 26.16 24.17
C HIS D 186 13.58 25.31 24.70
N GLU D 187 13.25 25.40 25.98
CA GLU D 187 12.05 24.78 26.52
C GLU D 187 11.44 25.77 27.51
N ARG D 188 10.13 25.98 27.36
CA ARG D 188 9.48 27.02 28.15
C ARG D 188 9.61 26.77 29.65
N TYR D 189 9.64 25.51 30.06
CA TYR D 189 9.74 25.23 31.48
C TYR D 189 11.01 25.81 32.06
N ALA D 190 12.15 25.46 31.49
CA ALA D 190 13.42 25.96 32.00
C ALA D 190 13.44 27.48 31.97
N LEU D 191 12.80 28.08 30.96
CA LEU D 191 12.71 29.53 30.87
C LEU D 191 11.99 30.14 32.07
N ILE D 192 10.80 29.64 32.37
CA ILE D 192 10.05 30.17 33.50
C ILE D 192 10.80 29.91 34.80
N GLN D 193 11.49 28.78 34.88
CA GLN D 193 12.22 28.45 36.09
C GLN D 193 13.40 29.39 36.27
N HIS D 194 14.10 29.66 35.17
CA HIS D 194 15.31 30.44 35.16
C HIS D 194 15.07 31.84 35.64
N GLN D 195 13.83 32.32 35.53
CA GLN D 195 13.59 33.72 35.83
C GLN D 195 14.13 34.05 37.21
N LYS D 196 13.92 33.17 38.19
CA LYS D 196 14.46 33.47 39.51
C LYS D 196 15.98 33.25 39.52
N SER D 197 16.72 34.10 40.22
CA SER D 197 16.23 35.13 41.15
C SER D 197 15.39 36.27 40.59
N HIS D 198 15.66 36.71 39.35
CA HIS D 198 15.05 37.94 38.76
C HIS D 198 13.76 38.44 39.41
N PRO G 30 -0.53 -38.85 -14.92
CA PRO G 30 -1.28 -38.51 -16.12
C PRO G 30 -0.36 -38.03 -17.23
N HIS G 31 -0.70 -38.35 -18.48
CA HIS G 31 0.22 -38.07 -19.57
C HIS G 31 -0.44 -37.38 -20.78
N LYS G 32 -1.49 -36.55 -20.59
CA LYS G 32 -2.13 -35.95 -21.76
C LYS G 32 -3.03 -34.79 -21.35
N CYS G 33 -3.26 -33.87 -22.30
CA CYS G 33 -4.09 -32.69 -22.18
C CYS G 33 -5.24 -32.80 -23.17
N PRO G 34 -6.48 -32.52 -22.76
CA PRO G 34 -7.62 -32.91 -23.61
C PRO G 34 -7.68 -32.13 -24.91
N ASP G 35 -7.52 -30.83 -24.84
CA ASP G 35 -7.61 -29.98 -26.02
C ASP G 35 -6.24 -29.44 -26.46
N CYS G 36 -5.14 -30.06 -26.02
CA CYS G 36 -3.82 -29.56 -26.39
C CYS G 36 -2.89 -30.68 -26.85
N ASP G 37 -1.64 -30.29 -27.13
CA ASP G 37 -0.61 -31.10 -27.78
C ASP G 37 -0.01 -32.17 -26.87
N MET G 38 0.47 -31.83 -25.68
CA MET G 38 1.28 -32.79 -24.95
C MET G 38 1.44 -32.42 -23.48
N ALA G 39 1.68 -33.44 -22.64
CA ALA G 39 2.33 -33.26 -21.35
C ALA G 39 3.10 -34.51 -20.99
N PHE G 40 3.83 -34.44 -19.86
CA PHE G 40 4.69 -35.50 -19.34
C PHE G 40 4.00 -36.29 -18.23
N VAL G 41 4.63 -37.42 -17.92
CA VAL G 41 4.12 -38.33 -16.91
C VAL G 41 4.10 -37.76 -15.52
N THR G 42 4.66 -36.56 -15.30
CA THR G 42 4.64 -35.94 -13.99
C THR G 42 3.23 -35.70 -13.44
N SER G 43 2.21 -35.77 -14.30
CA SER G 43 0.83 -35.55 -13.86
C SER G 43 0.65 -34.16 -13.26
N GLY G 44 1.29 -33.92 -12.11
CA GLY G 44 1.16 -32.63 -11.45
C GLY G 44 1.70 -31.52 -12.35
N GLU G 45 2.73 -31.85 -13.14
CA GLU G 45 3.28 -30.88 -14.07
C GLU G 45 2.23 -30.48 -15.10
N LEU G 46 1.47 -31.47 -15.62
CA LEU G 46 0.37 -31.12 -16.52
C LEU G 46 -0.61 -30.18 -15.84
N VAL G 47 -0.83 -30.37 -14.54
CA VAL G 47 -1.74 -29.48 -13.83
C VAL G 47 -1.22 -28.07 -13.89
N ARG G 48 0.08 -27.89 -13.67
CA ARG G 48 0.65 -26.56 -13.78
C ARG G 48 0.63 -26.09 -15.24
N HIS G 49 0.80 -26.99 -16.21
CA HIS G 49 0.64 -26.58 -17.60
C HIS G 49 -0.74 -26.00 -17.82
N ARG G 50 -1.77 -26.68 -17.31
CA ARG G 50 -3.12 -26.15 -17.42
C ARG G 50 -3.20 -24.80 -16.73
N ARG G 51 -2.50 -24.67 -15.60
CA ARG G 51 -2.49 -23.42 -14.87
C ARG G 51 -1.83 -22.31 -15.68
N TYR G 52 -0.84 -22.63 -16.50
CA TYR G 52 -0.11 -21.60 -17.25
C TYR G 52 -0.84 -21.21 -18.52
N LYS G 53 -1.09 -22.19 -19.40
CA LYS G 53 -1.50 -21.91 -20.78
C LYS G 53 -3.00 -21.96 -21.04
N HIS G 54 -3.80 -22.54 -20.16
CA HIS G 54 -5.25 -22.64 -20.41
C HIS G 54 -6.07 -21.98 -19.31
N THR G 55 -5.96 -22.42 -18.06
CA THR G 55 -6.64 -21.77 -16.93
C THR G 55 -5.63 -20.94 -16.17
N HIS G 56 -5.81 -19.63 -16.15
CA HIS G 56 -4.81 -18.77 -15.53
C HIS G 56 -5.16 -18.59 -14.07
N GLU G 57 -4.63 -19.48 -13.22
CA GLU G 57 -5.03 -19.46 -11.81
C GLU G 57 -4.49 -18.25 -11.07
N LYS G 58 -3.19 -18.02 -11.14
CA LYS G 58 -2.54 -16.91 -10.46
C LYS G 58 -2.91 -16.86 -8.98
N PRO G 59 -2.51 -17.88 -8.19
CA PRO G 59 -2.86 -17.87 -6.76
C PRO G 59 -2.14 -16.84 -5.86
N PHE G 60 -0.83 -16.65 -6.00
CA PHE G 60 -0.04 -15.86 -5.05
C PHE G 60 0.10 -14.38 -5.45
N LYS G 61 -0.21 -13.45 -4.53
CA LYS G 61 -0.20 -12.01 -4.84
C LYS G 61 0.82 -11.25 -3.99
N CYS G 62 1.24 -10.08 -4.49
CA CYS G 62 2.34 -9.29 -3.95
C CYS G 62 1.91 -8.21 -2.94
N SER G 63 2.89 -7.43 -2.45
CA SER G 63 2.67 -6.43 -1.41
C SER G 63 2.44 -5.02 -1.96
N MET G 64 3.36 -4.53 -2.78
CA MET G 64 3.36 -3.14 -3.25
C MET G 64 2.72 -2.94 -4.63
N CYS G 65 2.53 -4.01 -5.43
CA CYS G 65 1.92 -3.91 -6.74
C CYS G 65 0.72 -4.86 -6.85
N ASP G 66 -0.02 -4.73 -7.96
CA ASP G 66 -1.17 -5.56 -8.24
C ASP G 66 -0.80 -6.84 -8.95
N TYR G 67 0.35 -7.44 -8.61
CA TYR G 67 0.85 -8.64 -9.27
C TYR G 67 0.43 -9.92 -8.56
N ALA G 68 0.30 -10.99 -9.34
CA ALA G 68 0.04 -12.34 -8.83
C ALA G 68 0.44 -13.34 -9.91
N SER G 69 0.93 -14.50 -9.49
CA SER G 69 1.35 -15.50 -10.49
C SER G 69 1.20 -16.92 -9.99
N VAL G 70 1.48 -17.86 -10.91
CA VAL G 70 1.22 -19.29 -10.74
C VAL G 70 2.17 -19.98 -9.77
N GLU G 71 3.41 -19.51 -9.63
CA GLU G 71 4.35 -20.14 -8.72
C GLU G 71 4.86 -19.12 -7.72
N VAL G 72 5.08 -19.55 -6.46
CA VAL G 72 5.59 -18.62 -5.46
C VAL G 72 7.04 -18.26 -5.78
N SER G 73 7.79 -19.18 -6.38
CA SER G 73 9.13 -18.84 -6.84
C SER G 73 9.10 -17.55 -7.64
N LYS G 74 8.10 -17.40 -8.51
CA LYS G 74 7.96 -16.19 -9.29
C LYS G 74 7.71 -14.95 -8.43
N LEU G 75 6.86 -15.06 -7.40
CA LEU G 75 6.59 -13.82 -6.66
C LEU G 75 7.77 -13.48 -5.75
N LYS G 76 8.38 -14.48 -5.11
CA LYS G 76 9.64 -14.26 -4.41
C LYS G 76 10.62 -13.54 -5.33
N ARG G 77 10.72 -13.98 -6.57
CA ARG G 77 11.57 -13.26 -7.52
C ARG G 77 11.04 -11.85 -7.79
N HIS G 78 9.72 -11.68 -7.80
CA HIS G 78 9.11 -10.40 -8.15
C HIS G 78 9.38 -9.33 -7.09
N ILE G 79 9.28 -9.70 -5.82
CA ILE G 79 9.31 -8.71 -4.74
C ILE G 79 10.61 -7.96 -4.74
N ARG G 80 11.68 -8.58 -5.23
CA ARG G 80 12.99 -7.94 -5.34
C ARG G 80 12.97 -6.69 -6.23
N SER G 81 11.95 -6.51 -7.08
CA SER G 81 11.81 -5.23 -7.76
C SER G 81 11.39 -4.13 -6.80
N HIS G 82 10.65 -4.49 -5.74
CA HIS G 82 10.31 -3.56 -4.66
C HIS G 82 11.48 -3.41 -3.68
N THR G 83 11.91 -4.53 -3.08
CA THR G 83 12.98 -4.51 -2.09
C THR G 83 14.29 -3.99 -2.69
N GLY G 84 14.81 -4.68 -3.70
CA GLY G 84 16.12 -4.41 -4.21
C GLY G 84 17.18 -5.46 -3.91
N GLU G 85 16.80 -6.62 -3.35
CA GLU G 85 17.76 -7.69 -3.07
C GLU G 85 18.38 -8.21 -4.36
N ARG G 86 19.70 -8.40 -4.34
CA ARG G 86 20.46 -8.95 -5.47
C ARG G 86 21.33 -10.11 -4.98
N PRO G 87 20.74 -11.24 -4.62
CA PRO G 87 21.52 -12.29 -3.96
C PRO G 87 22.39 -13.16 -4.85
N PHE G 88 23.06 -12.62 -5.88
CA PHE G 88 23.91 -13.43 -6.77
C PHE G 88 25.07 -12.60 -7.32
N GLN G 89 26.28 -12.86 -6.81
CA GLN G 89 27.47 -12.07 -7.13
C GLN G 89 28.32 -12.73 -8.20
N CYS G 90 28.94 -11.90 -9.04
CA CYS G 90 29.91 -12.37 -10.03
C CYS G 90 31.27 -12.50 -9.33
N SER G 91 31.72 -13.75 -9.16
CA SER G 91 33.01 -14.01 -8.52
C SER G 91 34.12 -13.17 -9.14
N LEU G 92 33.89 -12.62 -10.32
CA LEU G 92 34.86 -11.86 -11.08
C LEU G 92 34.60 -10.36 -11.12
N CYS G 93 33.47 -9.87 -10.60
CA CYS G 93 33.24 -8.42 -10.62
C CYS G 93 32.26 -8.04 -9.50
N SER G 94 31.76 -6.80 -9.56
CA SER G 94 30.86 -6.25 -8.56
C SER G 94 29.38 -6.52 -8.82
N TYR G 95 28.99 -7.00 -10.00
CA TYR G 95 27.58 -7.13 -10.36
C TYR G 95 26.82 -8.08 -9.42
N ALA G 96 25.51 -7.83 -9.26
CA ALA G 96 24.64 -8.66 -8.43
C ALA G 96 23.21 -8.64 -8.99
N SER G 97 22.66 -9.83 -9.26
CA SER G 97 21.39 -9.99 -9.97
C SER G 97 20.26 -10.50 -9.08
N ARG G 98 19.03 -10.30 -9.56
CA ARG G 98 17.84 -10.73 -8.83
C ARG G 98 17.64 -12.24 -8.84
N ASP G 99 18.10 -12.92 -9.89
CA ASP G 99 17.88 -14.36 -10.02
C ASP G 99 19.12 -14.99 -10.61
N THR G 100 19.11 -16.32 -10.70
CA THR G 100 20.31 -17.06 -11.10
C THR G 100 20.65 -16.82 -12.56
N TYR G 101 19.64 -16.73 -13.42
CA TYR G 101 19.90 -16.68 -14.86
C TYR G 101 20.58 -15.39 -15.27
N LYS G 102 20.20 -14.25 -14.68
CA LYS G 102 20.82 -13.00 -15.10
C LYS G 102 22.33 -13.03 -14.86
N LEU G 103 22.75 -13.81 -13.86
CA LEU G 103 24.19 -14.00 -13.61
C LEU G 103 24.83 -14.91 -14.65
N LYS G 104 24.19 -16.04 -14.99
CA LYS G 104 24.75 -16.90 -16.04
C LYS G 104 24.90 -16.12 -17.35
N ARG G 105 23.98 -15.19 -17.61
CA ARG G 105 24.02 -14.36 -18.81
C ARG G 105 25.09 -13.30 -18.71
N HIS G 106 25.33 -12.80 -17.52
CA HIS G 106 26.40 -11.86 -17.32
C HIS G 106 27.76 -12.53 -17.48
N MET G 107 27.85 -13.80 -17.08
CA MET G 107 29.14 -14.51 -17.14
C MET G 107 29.67 -14.61 -18.55
N ARG G 108 28.77 -14.62 -19.54
CA ARG G 108 29.19 -14.68 -20.93
C ARG G 108 30.14 -13.53 -21.25
N THR G 109 29.97 -12.40 -20.60
CA THR G 109 30.85 -11.26 -20.84
C THR G 109 32.27 -11.50 -20.32
N HIS G 110 32.43 -12.32 -19.28
CA HIS G 110 33.77 -12.70 -18.83
C HIS G 110 34.34 -13.83 -19.68
N SER G 111 33.51 -14.83 -19.95
CA SER G 111 33.99 -15.98 -20.72
C SER G 111 34.28 -15.59 -22.16
N GLY G 112 33.61 -14.57 -22.67
CA GLY G 112 33.70 -14.27 -24.07
C GLY G 112 32.90 -15.19 -24.95
N GLU G 113 31.99 -15.96 -24.37
CA GLU G 113 31.16 -16.87 -25.12
C GLU G 113 30.15 -16.07 -25.93
N LYS G 114 29.87 -16.54 -27.14
CA LYS G 114 28.86 -15.93 -28.00
C LYS G 114 27.94 -17.04 -28.49
N PRO G 115 26.88 -17.34 -27.72
CA PRO G 115 26.07 -18.53 -28.04
C PRO G 115 25.18 -18.36 -29.25
N TYR G 116 24.86 -17.14 -29.66
CA TYR G 116 23.86 -16.88 -30.70
C TYR G 116 24.47 -16.43 -32.04
N GLU G 117 23.73 -16.69 -33.13
CA GLU G 117 24.27 -16.54 -34.49
C GLU G 117 23.19 -16.10 -35.48
N CYS G 118 23.37 -14.96 -36.15
CA CYS G 118 22.51 -14.64 -37.30
C CYS G 118 22.70 -15.71 -38.36
N TYR G 119 21.62 -16.43 -38.70
CA TYR G 119 21.75 -17.57 -39.62
C TYR G 119 22.11 -17.12 -41.03
N ILE G 120 21.87 -15.85 -41.33
CA ILE G 120 22.21 -15.27 -42.64
C ILE G 120 23.66 -14.85 -42.70
N CYS G 121 24.08 -14.09 -41.70
CA CYS G 121 25.34 -13.38 -41.67
C CYS G 121 26.47 -14.17 -41.02
N HIS G 122 26.13 -15.04 -40.07
CA HIS G 122 27.03 -15.81 -39.24
C HIS G 122 27.70 -14.90 -38.21
N ALA G 123 27.25 -13.65 -38.09
CA ALA G 123 27.68 -12.83 -36.97
C ALA G 123 27.30 -13.48 -35.65
N ARG G 124 28.12 -13.25 -34.63
CA ARG G 124 27.90 -13.84 -33.33
C ARG G 124 27.42 -12.79 -32.35
N PHE G 125 26.76 -13.23 -31.29
CA PHE G 125 26.20 -12.31 -30.32
C PHE G 125 26.23 -12.96 -28.94
N THR G 126 26.31 -12.12 -27.92
CA THR G 126 26.28 -12.64 -26.55
C THR G 126 24.85 -13.01 -26.11
N GLN G 127 23.82 -12.40 -26.70
CA GLN G 127 22.46 -12.49 -26.18
C GLN G 127 21.48 -12.67 -27.34
N SER G 128 20.50 -13.56 -27.14
CA SER G 128 19.56 -13.92 -28.20
C SER G 128 18.82 -12.71 -28.79
N GLY G 129 18.22 -11.87 -27.93
CA GLY G 129 17.51 -10.69 -28.41
C GLY G 129 18.37 -9.74 -29.21
N THR G 130 19.65 -9.58 -28.84
CA THR G 130 20.54 -8.75 -29.64
C THR G 130 20.57 -9.27 -31.07
N MET G 131 20.67 -10.59 -31.23
CA MET G 131 20.69 -11.16 -32.57
C MET G 131 19.35 -10.98 -33.25
N LYS G 132 18.26 -11.18 -32.52
CA LYS G 132 16.96 -11.01 -33.13
C LYS G 132 16.82 -9.58 -33.65
N MET G 133 17.34 -8.59 -32.91
CA MET G 133 17.31 -7.20 -33.35
C MET G 133 18.23 -6.97 -34.55
N HIS G 134 19.43 -7.57 -34.54
CA HIS G 134 20.28 -7.50 -35.72
C HIS G 134 19.54 -7.96 -36.97
N ILE G 135 18.89 -9.12 -36.88
CA ILE G 135 18.12 -9.64 -38.01
C ILE G 135 17.03 -8.65 -38.41
N LEU G 136 16.35 -8.09 -37.41
CA LEU G 136 15.24 -7.20 -37.72
C LEU G 136 15.73 -5.93 -38.44
N GLN G 137 16.88 -5.42 -38.05
CA GLN G 137 17.36 -4.19 -38.66
C GLN G 137 18.15 -4.43 -39.94
N LYS G 138 18.73 -5.61 -40.10
CA LYS G 138 19.69 -5.87 -41.16
C LYS G 138 19.20 -6.75 -42.30
N HIS G 139 18.37 -7.73 -42.02
CA HIS G 139 17.99 -8.74 -43.00
C HIS G 139 16.46 -8.80 -43.14
N THR G 140 15.78 -7.71 -42.83
CA THR G 140 14.34 -7.71 -42.75
C THR G 140 13.80 -6.53 -43.54
N GLU G 141 12.63 -6.73 -44.15
CA GLU G 141 11.98 -5.77 -45.02
C GLU G 141 10.64 -5.40 -44.43
N ASN G 142 10.14 -4.23 -44.82
CA ASN G 142 8.80 -3.81 -44.49
C ASN G 142 8.65 -3.55 -43.01
N VAL G 143 9.77 -3.46 -42.29
CA VAL G 143 9.73 -3.19 -40.86
C VAL G 143 9.31 -1.74 -40.61
N ALA G 144 8.41 -1.55 -39.64
CA ALA G 144 7.88 -0.22 -39.37
C ALA G 144 8.94 0.67 -38.69
N LYS G 145 8.95 1.96 -39.04
CA LYS G 145 9.85 2.90 -38.39
C LYS G 145 9.13 3.62 -37.26
N PHE G 146 9.78 4.62 -36.68
CA PHE G 146 9.17 5.40 -35.60
C PHE G 146 9.36 6.89 -35.89
N HIS G 147 8.27 7.65 -35.87
CA HIS G 147 8.32 9.09 -36.13
C HIS G 147 8.29 9.82 -34.79
N CYS G 148 9.18 10.80 -34.62
CA CYS G 148 9.10 11.65 -33.42
C CYS G 148 7.73 12.30 -33.38
N PRO G 149 7.03 12.26 -32.24
CA PRO G 149 5.77 12.99 -32.14
C PRO G 149 5.92 14.49 -32.29
N HIS G 150 6.99 15.06 -31.70
CA HIS G 150 7.22 16.49 -31.71
C HIS G 150 7.94 16.96 -32.98
N CYS G 151 9.06 16.35 -33.35
CA CYS G 151 9.72 16.80 -34.57
C CYS G 151 9.42 15.83 -35.70
N ASP G 152 10.03 16.07 -36.86
CA ASP G 152 9.65 15.37 -38.08
C ASP G 152 10.59 14.24 -38.45
N THR G 153 11.49 13.82 -37.56
CA THR G 153 12.47 12.80 -37.92
C THR G 153 11.95 11.40 -37.57
N VAL G 154 12.37 10.40 -38.37
CA VAL G 154 12.08 8.98 -38.15
C VAL G 154 13.37 8.26 -37.76
N ILE G 155 13.27 7.29 -36.84
CA ILE G 155 14.43 6.46 -36.48
C ILE G 155 13.97 5.01 -36.24
N ALA G 156 14.91 4.08 -36.41
CA ALA G 156 14.60 2.66 -36.46
C ALA G 156 14.25 2.04 -35.11
N ARG G 157 15.18 2.02 -34.16
CA ARG G 157 14.88 1.37 -32.89
C ARG G 157 14.02 2.29 -32.02
N LYS G 158 13.05 1.70 -31.33
CA LYS G 158 12.22 2.51 -30.43
C LYS G 158 13.05 3.16 -29.34
N SER G 159 14.03 2.45 -28.80
CA SER G 159 14.83 3.03 -27.73
C SER G 159 15.65 4.24 -28.20
N ASP G 160 15.99 4.28 -29.49
CA ASP G 160 16.65 5.45 -30.07
C ASP G 160 15.68 6.61 -30.22
N LEU G 161 14.40 6.33 -30.48
CA LEU G 161 13.39 7.36 -30.31
C LEU G 161 13.38 7.86 -28.88
N GLY G 162 13.68 6.96 -27.93
CA GLY G 162 13.83 7.39 -26.56
C GLY G 162 14.95 8.39 -26.37
N VAL G 163 16.14 8.07 -26.87
CA VAL G 163 17.26 8.97 -26.57
C VAL G 163 17.07 10.29 -27.29
N HIS G 164 16.47 10.28 -28.49
CA HIS G 164 16.16 11.51 -29.20
C HIS G 164 15.12 12.34 -28.46
N LEU G 165 14.06 11.73 -27.94
CA LEU G 165 13.11 12.54 -27.17
C LEU G 165 13.74 13.10 -25.91
N ARG G 166 14.69 12.37 -25.31
CA ARG G 166 15.32 12.89 -24.11
C ARG G 166 16.33 13.97 -24.42
N LYS G 167 17.00 13.89 -25.57
CA LYS G 167 18.03 14.89 -25.88
C LYS G 167 17.45 16.11 -26.60
N GLN G 168 16.31 15.96 -27.26
CA GLN G 168 15.77 16.99 -28.12
C GLN G 168 14.44 17.60 -27.64
N HIS G 169 13.62 16.87 -26.87
CA HIS G 169 12.32 17.40 -26.48
C HIS G 169 12.07 17.35 -24.98
N SER G 170 13.09 17.06 -24.18
CA SER G 170 12.95 17.16 -22.73
C SER G 170 12.99 18.62 -22.30
N TYR G 171 12.37 18.90 -21.15
CA TYR G 171 12.34 20.25 -20.58
C TYR G 171 13.68 20.58 -19.94
N ILE G 172 14.26 21.70 -20.36
CA ILE G 172 15.56 22.19 -19.86
C ILE G 172 15.30 23.24 -18.78
N GLU G 173 15.62 22.89 -17.53
CA GLU G 173 15.19 23.68 -16.37
C GLU G 173 15.73 25.11 -16.39
N GLN G 174 17.06 25.26 -16.32
CA GLN G 174 17.67 26.60 -16.32
C GLN G 174 17.50 27.34 -17.65
N GLY G 175 16.98 26.67 -18.67
CA GLY G 175 16.86 27.26 -19.99
C GLY G 175 18.18 27.25 -20.75
N LYS G 176 18.08 27.47 -22.05
CA LYS G 176 19.24 27.64 -22.91
C LYS G 176 19.00 28.89 -23.73
N LYS G 177 20.02 29.75 -23.82
CA LYS G 177 19.88 31.02 -24.55
C LYS G 177 20.33 30.84 -25.98
N CYS G 178 19.65 31.52 -26.90
CA CYS G 178 20.11 31.53 -28.28
C CYS G 178 21.56 32.00 -28.35
N ARG G 179 22.33 31.43 -29.28
CA ARG G 179 23.72 31.85 -29.40
C ARG G 179 23.85 33.25 -30.03
N TYR G 180 22.88 33.70 -30.84
CA TYR G 180 23.06 34.97 -31.54
C TYR G 180 22.03 36.04 -31.17
N CYS G 181 21.13 35.79 -30.23
CA CYS G 181 20.19 36.80 -29.74
C CYS G 181 19.90 36.49 -28.27
N ASP G 182 19.11 37.36 -27.63
CA ASP G 182 18.81 37.18 -26.21
C ASP G 182 17.71 36.17 -25.91
N ALA G 183 17.07 35.58 -26.91
CA ALA G 183 15.92 34.71 -26.65
C ALA G 183 16.35 33.44 -25.93
N VAL G 184 15.62 33.09 -24.85
CA VAL G 184 15.88 31.87 -24.08
C VAL G 184 14.83 30.78 -24.36
N PHE G 185 15.26 29.52 -24.37
CA PHE G 185 14.36 28.40 -24.65
C PHE G 185 14.48 27.30 -23.61
N HIS G 186 13.43 26.48 -23.53
CA HIS G 186 13.40 25.40 -22.57
C HIS G 186 13.39 24.01 -23.21
N GLU G 187 13.46 23.90 -24.52
CA GLU G 187 13.59 22.59 -25.13
C GLU G 187 14.63 22.70 -26.25
N ARG G 188 15.52 21.70 -26.36
CA ARG G 188 16.63 21.81 -27.30
C ARG G 188 16.16 21.93 -28.73
N TYR G 189 15.05 21.28 -29.09
CA TYR G 189 14.54 21.37 -30.44
C TYR G 189 14.15 22.80 -30.78
N ALA G 190 13.37 23.43 -29.90
CA ALA G 190 12.92 24.79 -30.16
C ALA G 190 14.10 25.72 -30.31
N LEU G 191 15.14 25.50 -29.49
CA LEU G 191 16.33 26.34 -29.52
C LEU G 191 17.03 26.24 -30.86
N ILE G 192 17.32 25.01 -31.31
CA ILE G 192 18.05 24.84 -32.56
C ILE G 192 17.21 25.32 -33.74
N GLN G 193 15.90 25.09 -33.69
CA GLN G 193 15.05 25.56 -34.78
C GLN G 193 15.07 27.08 -34.82
N HIS G 194 15.03 27.71 -33.65
CA HIS G 194 15.05 29.17 -33.63
C HIS G 194 16.35 29.71 -34.18
N GLN G 195 17.46 29.03 -33.97
CA GLN G 195 18.73 29.59 -34.39
C GLN G 195 18.79 29.76 -35.91
N LYS G 196 17.69 30.27 -36.49
CA LYS G 196 17.51 30.58 -37.90
C LYS G 196 16.46 31.68 -38.00
N SER G 197 16.54 32.53 -39.03
CA SER G 197 17.55 32.49 -40.08
C SER G 197 18.87 32.94 -39.50
N HIS G 198 18.81 33.91 -38.59
CA HIS G 198 20.00 34.59 -38.07
C HIS G 198 21.19 34.66 -39.04
N PRO J 30 35.04 20.49 16.69
CA PRO J 30 33.77 21.15 16.92
C PRO J 30 32.96 20.41 17.97
N HIS J 31 33.08 20.87 19.23
CA HIS J 31 32.43 20.22 20.37
C HIS J 31 31.68 21.26 21.20
N LYS J 32 30.37 21.06 21.39
CA LYS J 32 29.52 21.96 22.18
C LYS J 32 28.09 21.41 22.23
N CYS J 33 27.49 21.32 23.40
CA CYS J 33 26.12 20.80 23.33
C CYS J 33 25.13 21.67 24.08
N PRO J 34 23.91 21.83 23.56
CA PRO J 34 22.95 22.69 24.27
C PRO J 34 22.54 22.17 25.65
N ASP J 35 22.21 20.88 25.78
CA ASP J 35 21.73 20.38 27.07
C ASP J 35 22.74 19.52 27.82
N CYS J 36 23.60 18.77 27.15
CA CYS J 36 24.55 17.90 27.84
C CYS J 36 25.98 18.33 27.51
N ASP J 37 26.95 17.67 28.15
CA ASP J 37 28.34 18.08 27.96
C ASP J 37 28.94 17.46 26.72
N MET J 38 28.69 16.18 26.50
CA MET J 38 29.32 15.44 25.42
C MET J 38 28.90 16.03 24.08
N ALA J 39 29.75 15.83 23.08
CA ALA J 39 29.70 16.48 21.77
C ALA J 39 30.99 16.10 21.04
N PHE J 40 30.94 15.95 19.72
CA PHE J 40 32.09 15.52 18.93
C PHE J 40 31.96 16.01 17.50
N VAL J 41 32.95 15.69 16.67
CA VAL J 41 32.91 16.03 15.26
C VAL J 41 32.35 14.94 14.38
N GLY J 44 27.60 16.14 12.49
CA GLY J 44 27.10 14.83 12.90
C GLY J 44 26.98 14.74 14.42
N GLU J 45 28.08 14.38 15.08
CA GLU J 45 28.06 14.05 16.52
C GLU J 45 27.57 15.17 17.41
N LEU J 46 27.28 16.30 16.79
CA LEU J 46 26.56 17.41 17.39
C LEU J 46 25.19 17.61 16.77
N VAL J 47 25.11 17.46 15.45
CA VAL J 47 23.83 17.63 14.75
C VAL J 47 22.87 16.50 15.08
N ARG J 48 23.27 15.26 14.79
CA ARG J 48 22.37 14.14 14.98
C ARG J 48 22.11 13.87 16.45
N HIS J 49 23.13 13.99 17.30
CA HIS J 49 22.91 13.80 18.73
C HIS J 49 21.95 14.85 19.28
N ARG J 50 22.16 16.12 18.93
CA ARG J 50 21.25 17.14 19.42
C ARG J 50 19.83 16.91 18.92
N ARG J 51 19.68 16.45 17.66
CA ARG J 51 18.36 16.17 17.12
C ARG J 51 17.74 14.93 17.78
N TYR J 52 18.56 13.95 18.17
CA TYR J 52 18.02 12.74 18.80
C TYR J 52 17.53 13.03 20.20
N LYS J 53 18.38 13.63 21.02
CA LYS J 53 18.09 13.75 22.44
C LYS J 53 17.47 15.08 22.85
N HIS J 54 17.44 16.09 21.97
CA HIS J 54 16.87 17.39 22.33
C HIS J 54 15.71 17.80 21.44
N THR J 55 15.88 17.88 20.12
CA THR J 55 14.80 18.22 19.17
C THR J 55 14.35 17.02 18.38
N HIS J 56 13.50 16.19 18.98
CA HIS J 56 12.98 14.99 18.33
C HIS J 56 12.40 15.30 16.97
N GLU J 57 13.26 15.63 16.01
CA GLU J 57 12.81 16.07 14.68
C GLU J 57 12.24 14.91 13.87
N LYS J 58 13.01 13.84 13.69
CA LYS J 58 12.55 12.65 12.97
C LYS J 58 11.86 13.00 11.66
N PRO J 59 12.60 13.53 10.68
CA PRO J 59 11.93 13.96 9.42
C PRO J 59 11.38 12.84 8.53
N PHE J 60 12.02 11.67 8.45
CA PHE J 60 11.64 10.66 7.47
C PHE J 60 10.51 9.77 7.99
N LYS J 61 9.43 9.65 7.21
CA LYS J 61 8.20 8.98 7.62
C LYS J 61 7.92 7.75 6.74
N CYS J 62 7.13 6.82 7.27
CA CYS J 62 6.94 5.52 6.63
C CYS J 62 5.71 5.49 5.70
N SER J 63 5.52 4.34 5.03
CA SER J 63 4.47 4.10 4.05
C SER J 63 3.24 3.40 4.62
N MET J 64 3.42 2.24 5.28
CA MET J 64 2.31 1.41 5.74
C MET J 64 1.92 1.65 7.20
N CYS J 65 2.81 2.20 8.04
CA CYS J 65 2.48 2.54 9.42
C CYS J 65 2.88 4.00 9.67
N ASP J 66 2.50 4.49 10.85
CA ASP J 66 2.79 5.87 11.22
C ASP J 66 4.18 6.00 11.84
N TYR J 67 5.18 5.27 11.33
CA TYR J 67 6.53 5.31 11.90
C TYR J 67 7.39 6.35 11.21
N ALA J 68 8.31 6.94 11.98
CA ALA J 68 9.24 7.95 11.49
C ALA J 68 10.45 7.99 12.40
N SER J 69 11.61 8.31 11.83
CA SER J 69 12.85 8.32 12.60
C SER J 69 13.81 9.38 12.07
N VAL J 70 14.94 9.52 12.78
CA VAL J 70 15.90 10.60 12.55
C VAL J 70 16.75 10.37 11.30
N GLU J 71 17.10 9.12 10.98
CA GLU J 71 17.99 8.79 9.86
C GLU J 71 17.31 7.85 8.87
N VAL J 72 17.67 8.00 7.59
CA VAL J 72 17.13 7.13 6.54
C VAL J 72 17.58 5.69 6.75
N SER J 73 18.79 5.49 7.30
CA SER J 73 19.22 4.15 7.64
C SER J 73 18.16 3.42 8.45
N LYS J 74 17.57 4.11 9.44
CA LYS J 74 16.56 3.47 10.27
C LYS J 74 15.33 3.08 9.44
N LEU J 75 14.93 3.93 8.50
CA LEU J 75 13.70 3.66 7.74
C LEU J 75 13.92 2.56 6.71
N LYS J 76 15.05 2.63 5.98
CA LYS J 76 15.46 1.53 5.12
C LYS J 76 15.43 0.22 5.88
N ARG J 77 15.97 0.22 7.11
CA ARG J 77 15.95 -0.98 7.96
C ARG J 77 14.52 -1.36 8.36
N HIS J 78 13.66 -0.38 8.60
CA HIS J 78 12.32 -0.66 9.07
C HIS J 78 11.49 -1.34 7.99
N ILE J 79 11.65 -0.87 6.73
CA ILE J 79 10.75 -1.30 5.67
C ILE J 79 10.83 -2.79 5.42
N ARG J 80 11.99 -3.42 5.68
CA ARG J 80 12.09 -4.87 5.53
C ARG J 80 11.10 -5.60 6.41
N SER J 81 10.57 -4.96 7.46
CA SER J 81 9.52 -5.59 8.25
C SER J 81 8.21 -5.70 7.50
N HIS J 82 7.93 -4.76 6.57
CA HIS J 82 6.77 -4.90 5.70
C HIS J 82 7.10 -5.80 4.50
N THR J 83 8.14 -5.44 3.74
CA THR J 83 8.51 -6.19 2.54
C THR J 83 8.82 -7.66 2.87
N GLY J 84 9.77 -7.89 3.77
CA GLY J 84 10.29 -9.20 4.06
C GLY J 84 11.73 -9.45 3.63
N GLU J 85 12.45 -8.43 3.15
CA GLU J 85 13.85 -8.65 2.80
C GLU J 85 14.65 -9.01 4.03
N ARG J 86 15.44 -10.08 3.89
CA ARG J 86 16.34 -10.57 4.91
C ARG J 86 17.73 -10.60 4.29
N PRO J 87 18.37 -9.43 4.13
CA PRO J 87 19.65 -9.34 3.40
C PRO J 87 20.92 -9.72 4.17
N PHE J 88 20.89 -10.70 5.06
CA PHE J 88 22.10 -11.05 5.80
C PHE J 88 22.01 -12.54 6.09
N GLN J 89 22.75 -13.33 5.34
CA GLN J 89 22.56 -14.77 5.29
C GLN J 89 23.58 -15.43 6.22
N CYS J 90 23.14 -16.50 6.87
CA CYS J 90 23.99 -17.33 7.71
C CYS J 90 24.69 -18.38 6.85
N SER J 91 26.02 -18.29 6.74
CA SER J 91 26.83 -19.25 6.00
C SER J 91 26.61 -20.69 6.44
N LEU J 92 26.07 -20.89 7.63
CA LEU J 92 25.94 -22.20 8.24
C LEU J 92 24.51 -22.75 8.28
N CYS J 93 23.49 -21.95 7.96
CA CYS J 93 22.11 -22.46 7.93
C CYS J 93 21.25 -21.53 7.06
N SER J 94 19.93 -21.76 7.07
CA SER J 94 19.01 -21.04 6.19
C SER J 94 18.62 -19.66 6.70
N TYR J 95 18.91 -19.35 7.96
CA TYR J 95 18.47 -18.11 8.58
C TYR J 95 19.02 -16.90 7.85
N ALA J 96 18.24 -15.83 7.85
CA ALA J 96 18.66 -14.58 7.23
C ALA J 96 17.98 -13.44 7.98
N SER J 97 18.74 -12.46 8.45
CA SER J 97 18.15 -11.44 9.31
C SER J 97 18.00 -10.13 8.56
N ARG J 98 17.17 -9.25 9.13
CA ARG J 98 16.93 -7.94 8.51
C ARG J 98 18.13 -7.02 8.67
N ASP J 99 18.95 -7.22 9.70
CA ASP J 99 20.04 -6.28 9.95
C ASP J 99 21.27 -7.03 10.45
N THR J 100 22.38 -6.30 10.61
CA THR J 100 23.65 -6.94 10.88
C THR J 100 23.69 -7.56 12.29
N TYR J 101 23.11 -6.89 13.29
CA TYR J 101 23.27 -7.37 14.67
C TYR J 101 22.56 -8.70 14.89
N LYS J 102 21.35 -8.85 14.36
CA LYS J 102 20.59 -10.07 14.56
C LYS J 102 21.34 -11.29 13.98
N LEU J 103 22.17 -11.08 12.95
CA LEU J 103 22.95 -12.21 12.45
C LEU J 103 24.08 -12.57 13.40
N LYS J 104 24.83 -11.57 13.88
CA LYS J 104 25.89 -11.90 14.82
C LYS J 104 25.33 -12.56 16.08
N ARG J 105 24.12 -12.17 16.49
CA ARG J 105 23.50 -12.77 17.66
C ARG J 105 23.03 -14.19 17.36
N HIS J 106 22.63 -14.44 16.11
CA HIS J 106 22.31 -15.79 15.69
C HIS J 106 23.53 -16.69 15.72
N MET J 107 24.73 -16.14 15.43
CA MET J 107 25.94 -16.95 15.39
C MET J 107 26.19 -17.68 16.70
N ARG J 108 25.69 -17.14 17.82
CA ARG J 108 25.81 -17.82 19.10
C ARG J 108 25.14 -19.21 19.09
N THR J 109 24.03 -19.36 18.35
CA THR J 109 23.39 -20.67 18.37
C THR J 109 24.26 -21.73 17.70
N HIS J 110 25.14 -21.31 16.80
CA HIS J 110 26.09 -22.24 16.22
C HIS J 110 27.30 -22.45 17.11
N SER J 111 27.89 -21.37 17.61
CA SER J 111 29.07 -21.49 18.45
C SER J 111 28.73 -22.04 19.83
N GLY J 112 27.50 -21.81 20.30
CA GLY J 112 27.15 -22.13 21.68
C GLY J 112 27.69 -21.16 22.72
N GLU J 113 28.15 -19.99 22.29
CA GLU J 113 28.75 -19.02 23.21
C GLU J 113 27.67 -18.45 24.12
N LYS J 114 28.05 -18.20 25.37
CA LYS J 114 27.18 -17.63 26.38
C LYS J 114 27.94 -16.45 26.95
N PRO J 115 27.85 -15.27 26.33
CA PRO J 115 28.73 -14.17 26.73
C PRO J 115 28.37 -13.55 28.07
N TYR J 116 27.12 -13.65 28.53
CA TYR J 116 26.70 -12.94 29.72
C TYR J 116 26.69 -13.86 30.94
N GLU J 117 26.98 -13.27 32.10
CA GLU J 117 27.26 -14.05 33.32
C GLU J 117 26.60 -13.35 34.51
N CYS J 118 25.61 -14.01 35.10
CA CYS J 118 24.94 -13.49 36.29
C CYS J 118 25.93 -13.28 37.40
N TYR J 119 26.02 -12.04 37.92
CA TYR J 119 27.04 -11.74 38.92
C TYR J 119 26.75 -12.37 40.28
N ILE J 120 25.52 -12.85 40.54
CA ILE J 120 25.20 -13.51 41.80
C ILE J 120 25.46 -15.02 41.75
N CYS J 121 24.97 -15.76 40.72
CA CYS J 121 25.23 -17.21 40.70
C CYS J 121 26.38 -17.61 39.79
N HIS J 122 26.70 -16.80 38.78
CA HIS J 122 27.72 -17.01 37.76
C HIS J 122 27.27 -17.99 36.69
N ALA J 123 25.99 -18.34 36.65
CA ALA J 123 25.47 -19.01 35.47
C ALA J 123 25.68 -18.13 34.23
N ARG J 124 25.84 -18.76 33.08
CA ARG J 124 26.07 -17.98 31.86
C ARG J 124 24.83 -17.93 30.97
N PHE J 125 24.75 -16.94 30.09
CA PHE J 125 23.57 -16.83 29.24
C PHE J 125 23.94 -16.38 27.82
N THR J 126 23.03 -16.70 26.90
CA THR J 126 23.21 -16.38 25.48
C THR J 126 22.97 -14.91 25.18
N GLN J 127 22.13 -14.24 25.98
CA GLN J 127 21.61 -12.92 25.68
C GLN J 127 21.47 -12.09 26.94
N SER J 128 21.83 -10.81 26.85
CA SER J 128 21.80 -9.92 28.02
C SER J 128 20.41 -9.90 28.66
N GLY J 129 19.37 -9.70 27.87
CA GLY J 129 18.02 -9.67 28.42
C GLY J 129 17.64 -10.97 29.10
N THR J 130 18.08 -12.11 28.55
CA THR J 130 17.81 -13.37 29.22
C THR J 130 18.37 -13.33 30.62
N MET J 131 19.61 -12.85 30.76
CA MET J 131 20.22 -12.76 32.09
C MET J 131 19.48 -11.75 32.96
N LYS J 132 19.04 -10.64 32.38
CA LYS J 132 18.35 -9.65 33.17
C LYS J 132 17.09 -10.25 33.78
N MET J 133 16.38 -11.04 32.99
CA MET J 133 15.20 -11.73 33.49
C MET J 133 15.58 -12.78 34.53
N HIS J 134 16.66 -13.52 34.29
CA HIS J 134 17.10 -14.51 35.27
C HIS J 134 17.30 -13.86 36.63
N ILE J 135 18.04 -12.74 36.66
CA ILE J 135 18.27 -12.04 37.92
C ILE J 135 16.94 -11.65 38.54
N LEU J 136 16.02 -11.19 37.70
CA LEU J 136 14.74 -10.73 38.24
C LEU J 136 13.93 -11.87 38.85
N GLN J 137 13.95 -13.08 38.25
CA GLN J 137 13.12 -14.21 38.71
C GLN J 137 13.78 -15.07 39.77
N LYS J 138 15.11 -15.08 39.88
CA LYS J 138 15.76 -15.99 40.80
C LYS J 138 16.37 -15.32 42.02
N HIS J 139 16.82 -14.06 41.89
CA HIS J 139 17.54 -13.36 42.92
C HIS J 139 16.82 -12.10 43.37
N THR J 140 15.53 -12.01 43.14
CA THR J 140 14.82 -10.81 43.57
C THR J 140 13.54 -11.24 44.26
N GLU J 141 13.15 -10.48 45.27
CA GLU J 141 12.03 -10.84 46.11
C GLU J 141 10.92 -9.83 45.92
N ASN J 142 9.69 -10.31 46.06
CA ASN J 142 8.49 -9.48 46.03
C ASN J 142 8.20 -8.89 44.66
N VAL J 143 8.83 -9.45 43.61
CA VAL J 143 8.55 -8.96 42.26
C VAL J 143 7.09 -9.26 41.92
N ALA J 144 6.45 -8.33 41.22
CA ALA J 144 5.03 -8.44 40.94
C ALA J 144 4.77 -9.60 39.98
N LYS J 145 3.72 -10.36 40.25
CA LYS J 145 3.38 -11.46 39.36
C LYS J 145 2.21 -11.05 38.48
N PHE J 146 1.65 -12.02 37.76
CA PHE J 146 0.54 -11.79 36.86
C PHE J 146 -0.55 -12.82 37.15
N HIS J 147 -1.77 -12.31 37.36
CA HIS J 147 -2.95 -13.13 37.68
C HIS J 147 -3.78 -13.32 36.42
N CYS J 148 -4.19 -14.56 36.17
CA CYS J 148 -5.10 -14.84 35.08
C CYS J 148 -6.38 -14.03 35.30
N PRO J 149 -6.88 -13.32 34.30
CA PRO J 149 -8.17 -12.63 34.47
C PRO J 149 -9.32 -13.60 34.61
N HIS J 150 -9.29 -14.73 33.90
CA HIS J 150 -10.38 -15.71 33.93
C HIS J 150 -10.26 -16.63 35.13
N CYS J 151 -9.12 -17.29 35.31
CA CYS J 151 -8.97 -18.15 36.47
C CYS J 151 -8.13 -17.46 37.53
N ASP J 152 -7.93 -18.15 38.65
CA ASP J 152 -7.33 -17.57 39.84
C ASP J 152 -5.85 -17.91 40.01
N THR J 153 -5.17 -18.40 38.98
CA THR J 153 -3.78 -18.77 39.20
C THR J 153 -2.89 -17.58 38.85
N VAL J 154 -1.80 -17.44 39.60
CA VAL J 154 -0.80 -16.40 39.39
C VAL J 154 0.41 -17.05 38.75
N ILE J 155 1.06 -16.34 37.83
CA ILE J 155 2.26 -16.87 37.21
C ILE J 155 3.25 -15.72 36.98
N ALA J 156 4.55 -16.06 37.01
CA ALA J 156 5.65 -15.09 37.14
C ALA J 156 5.87 -14.24 35.89
N ARG J 157 6.24 -14.85 34.76
CA ARG J 157 6.48 -14.12 33.52
C ARG J 157 5.17 -13.81 32.81
N LYS J 158 5.06 -12.62 32.22
CA LYS J 158 3.87 -12.33 31.45
C LYS J 158 3.73 -13.24 30.24
N SER J 159 4.82 -13.50 29.51
CA SER J 159 4.68 -14.34 28.32
C SER J 159 4.17 -15.75 28.68
N ASP J 160 4.49 -16.23 29.88
CA ASP J 160 3.90 -17.49 30.34
C ASP J 160 2.43 -17.32 30.68
N LEU J 161 2.01 -16.13 31.09
CA LEU J 161 0.58 -15.89 31.12
C LEU J 161 0.02 -15.99 29.72
N GLY J 162 0.82 -15.64 28.72
CA GLY J 162 0.40 -15.86 27.35
C GLY J 162 0.13 -17.32 27.04
N VAL J 163 1.08 -18.19 27.38
CA VAL J 163 0.87 -19.60 27.03
C VAL J 163 -0.25 -20.20 27.88
N HIS J 164 -0.44 -19.72 29.11
CA HIS J 164 -1.58 -20.19 29.91
C HIS J 164 -2.90 -19.74 29.31
N LEU J 165 -3.01 -18.47 28.87
CA LEU J 165 -4.27 -18.02 28.27
C LEU J 165 -4.56 -18.69 26.93
N ARG J 166 -3.51 -19.04 26.18
CA ARG J 166 -3.75 -19.71 24.91
C ARG J 166 -4.07 -21.19 25.09
N LYS J 167 -3.52 -21.84 26.13
CA LYS J 167 -3.75 -23.26 26.34
C LYS J 167 -4.96 -23.56 27.24
N GLN J 168 -5.38 -22.64 28.09
CA GLN J 168 -6.44 -22.93 29.05
C GLN J 168 -7.75 -22.18 28.80
N HIS J 169 -7.70 -21.04 28.11
CA HIS J 169 -8.90 -20.23 27.92
C HIS J 169 -9.19 -19.94 26.46
N SER J 170 -8.49 -20.58 25.54
CA SER J 170 -8.84 -20.42 24.14
C SER J 170 -10.02 -21.30 23.80
N TYR J 171 -10.78 -20.88 22.79
CA TYR J 171 -11.94 -21.62 22.29
C TYR J 171 -11.47 -22.75 21.38
N ILE J 172 -11.85 -23.98 21.70
CA ILE J 172 -11.54 -25.13 20.85
C ILE J 172 -12.77 -25.38 19.99
N GLU J 173 -12.61 -25.21 18.66
CA GLU J 173 -13.77 -25.24 17.78
C GLU J 173 -14.45 -26.60 17.85
N GLN J 174 -13.70 -27.65 17.53
CA GLN J 174 -14.18 -28.98 17.84
C GLN J 174 -14.23 -29.09 19.34
N GLY J 175 -15.09 -29.96 19.82
CA GLY J 175 -15.24 -30.03 21.25
C GLY J 175 -14.05 -30.67 21.93
N LYS J 176 -14.07 -30.61 23.25
CA LYS J 176 -13.33 -31.56 24.04
C LYS J 176 -14.33 -32.23 24.98
N LYS J 177 -14.32 -33.57 25.04
CA LYS J 177 -15.31 -34.31 25.80
C LYS J 177 -14.80 -34.68 27.17
N CYS J 178 -15.66 -34.55 28.17
CA CYS J 178 -15.26 -35.02 29.47
C CYS J 178 -14.83 -36.47 29.36
N ARG J 179 -13.87 -36.86 30.19
CA ARG J 179 -13.39 -38.23 30.19
C ARG J 179 -14.45 -39.22 30.68
N TYR J 180 -15.38 -38.79 31.56
CA TYR J 180 -16.38 -39.70 32.13
C TYR J 180 -17.85 -39.34 31.89
N CYS J 181 -18.18 -38.36 31.05
CA CYS J 181 -19.60 -38.12 30.79
C CYS J 181 -19.80 -37.59 29.38
N ASP J 182 -21.07 -37.48 28.96
CA ASP J 182 -21.39 -37.00 27.62
C ASP J 182 -21.20 -35.50 27.46
N ALA J 183 -20.88 -34.77 28.53
CA ALA J 183 -20.73 -33.31 28.43
C ALA J 183 -19.48 -32.95 27.65
N VAL J 184 -19.65 -32.11 26.65
CA VAL J 184 -18.53 -31.57 25.89
C VAL J 184 -18.30 -30.14 26.32
N PHE J 185 -17.04 -29.70 26.25
CA PHE J 185 -16.61 -28.36 26.62
C PHE J 185 -15.81 -27.76 25.47
N HIS J 186 -15.79 -26.43 25.41
CA HIS J 186 -15.11 -25.68 24.36
C HIS J 186 -13.95 -24.84 24.87
N GLU J 187 -13.64 -24.89 26.16
CA GLU J 187 -12.43 -24.28 26.68
C GLU J 187 -11.84 -25.25 27.69
N ARG J 188 -10.52 -25.46 27.62
CA ARG J 188 -9.91 -26.49 28.44
C ARG J 188 -10.12 -26.24 29.93
N TYR J 189 -10.25 -24.98 30.32
CA TYR J 189 -10.38 -24.68 31.74
C TYR J 189 -11.61 -25.35 32.29
N ALA J 190 -12.77 -25.09 31.69
CA ALA J 190 -14.01 -25.64 32.21
C ALA J 190 -13.95 -27.14 32.21
N LEU J 191 -13.34 -27.73 31.18
CA LEU J 191 -13.23 -29.17 31.08
C LEU J 191 -12.49 -29.73 32.28
N ILE J 192 -11.32 -29.18 32.59
CA ILE J 192 -10.56 -29.68 33.72
C ILE J 192 -11.29 -29.38 35.03
N GLN J 193 -11.96 -28.23 35.11
CA GLN J 193 -12.59 -27.81 36.37
C GLN J 193 -13.75 -28.72 36.76
N HIS J 194 -14.58 -29.06 35.79
CA HIS J 194 -15.77 -29.85 36.05
C HIS J 194 -15.47 -31.26 36.57
N GLN J 195 -14.27 -31.79 36.35
CA GLN J 195 -13.94 -33.20 36.57
C GLN J 195 -14.46 -33.76 37.90
N LYS J 196 -14.64 -32.94 38.93
CA LYS J 196 -15.16 -33.44 40.20
C LYS J 196 -16.60 -33.93 40.04
N SER J 197 -16.95 -35.02 40.75
CA SER J 197 -16.09 -35.79 41.67
C SER J 197 -14.96 -36.63 41.06
N HIS J 198 -15.15 -37.30 39.92
CA HIS J 198 -16.39 -37.44 39.17
C HIS J 198 -17.30 -38.52 39.78
#